data_9B07
#
_entry.id   9B07
#
_cell.length_a   70.050
_cell.length_b   52.190
_cell.length_c   135.880
_cell.angle_alpha   90.00
_cell.angle_beta   103.70
_cell.angle_gamma   90.00
#
_symmetry.space_group_name_H-M   'P 1 21 1'
#
loop_
_entity.id
_entity.type
_entity.pdbx_description
1 polymer 'Kynurenine 3-monooxygenase'
2 non-polymer 'FLAVIN-ADENINE DINUCLEOTIDE'
3 non-polymer 'CHLORIDE ION'
4 non-polymer "1-([1,1'-biphenyl]-4-yl)-2-(2H-tetrazol-5-yl)ethan-1-one"
5 non-polymer 'DIMETHYL SULFOXIDE'
6 water water
#
_entity_poly.entity_id   1
_entity_poly.type   'polypeptide(L)'
_entity_poly.pdbx_seq_one_letter_code
;MTATDNARQVTIIGAGLAGTLVARLLARNGWQVNLFERRPDPRIETGARGRSINLALAERGAHALRLAGLEREVLAEAVM
MRGRMVHVPGTPPNLQPYGRDDSEVIWSINRDRLNRILLDGAEAAGASIHFNLGLDSVDFARQRLTLSNVSGERLEKRFH
LLIGADGCNSAVRQAMASVVDLGEHLETQPHGYKELQITPEASAQFNLEPNALHIWPHGDYMCIALPNLDRSFTVTLFLH
HQSPAAQPASPSFAQLVDGHAARRFFQRQFPDLSPMLDSLEQDFEHHPTGKLATLRLTTWHVGGQAVLLGDAAHPMVPFH
GQGMNCALEDAVALAEHLQSAADNASALAAFTAQRQPDALAIQAMALENYVEMSSKVASPTYLLERELGQIMAQRQPTRF
IPRYSMVTFSRLPYAQAMARGQIQEQLLKFAVANHSDLTSINLDAVEHEVTRCLPPLSHLS
;
_entity_poly.pdbx_strand_id   A,B
#
# COMPACT_ATOMS: atom_id res chain seq x y z
N ALA A 7 -7.10 12.99 -47.05
CA ALA A 7 -6.10 12.93 -46.00
C ALA A 7 -6.46 13.84 -44.82
N ARG A 8 -6.45 13.27 -43.62
CA ARG A 8 -6.75 14.06 -42.42
CA ARG A 8 -6.75 14.05 -42.42
C ARG A 8 -5.61 15.04 -42.13
N GLN A 9 -5.98 16.22 -41.66
CA GLN A 9 -5.04 17.31 -41.43
C GLN A 9 -4.89 17.58 -39.94
N VAL A 10 -3.69 18.00 -39.55
CA VAL A 10 -3.43 18.30 -38.15
C VAL A 10 -2.39 19.41 -38.08
N THR A 11 -2.57 20.30 -37.09
CA THR A 11 -1.63 21.38 -36.82
C THR A 11 -1.04 21.14 -35.43
N ILE A 12 0.29 21.13 -35.34
CA ILE A 12 0.98 20.87 -34.09
C ILE A 12 1.76 22.12 -33.68
N ILE A 13 1.59 22.54 -32.44
CA ILE A 13 2.31 23.67 -31.88
C ILE A 13 3.41 23.12 -30.99
N GLY A 14 4.66 23.44 -31.33
CA GLY A 14 5.77 23.00 -30.51
C GLY A 14 6.55 21.87 -31.16
N ALA A 15 7.72 22.18 -31.70
CA ALA A 15 8.61 21.15 -32.25
C ALA A 15 9.60 20.65 -31.20
N GLY A 16 9.07 20.26 -30.04
CA GLY A 16 9.87 19.62 -29.01
C GLY A 16 9.89 18.12 -29.18
N LEU A 17 9.99 17.41 -28.06
CA LEU A 17 10.12 15.96 -28.14
C LEU A 17 8.79 15.31 -28.52
N ALA A 18 7.72 15.65 -27.81
CA ALA A 18 6.42 15.04 -28.12
C ALA A 18 5.88 15.54 -29.45
N GLY A 19 6.03 16.84 -29.73
CA GLY A 19 5.47 17.39 -30.95
C GLY A 19 6.10 16.84 -32.21
N THR A 20 7.42 16.65 -32.19
CA THR A 20 8.08 16.10 -33.38
CA THR A 20 8.08 16.11 -33.38
C THR A 20 7.85 14.61 -33.51
N LEU A 21 7.76 13.89 -32.40
CA LEU A 21 7.48 12.46 -32.51
C LEU A 21 6.07 12.23 -33.04
N VAL A 22 5.08 12.95 -32.52
CA VAL A 22 3.72 12.73 -33.01
C VAL A 22 3.60 13.20 -34.47
N ALA A 23 4.35 14.24 -34.85
CA ALA A 23 4.38 14.67 -36.24
C ALA A 23 4.87 13.56 -37.16
N ARG A 24 5.95 12.88 -36.77
CA ARG A 24 6.46 11.78 -37.58
C ARG A 24 5.46 10.63 -37.67
N LEU A 25 4.88 10.26 -36.52
CA LEU A 25 3.97 9.11 -36.50
C LEU A 25 2.74 9.35 -37.38
N LEU A 26 2.18 10.56 -37.33
CA LEU A 26 1.00 10.86 -38.13
C LEU A 26 1.35 11.02 -39.61
N ALA A 27 2.47 11.69 -39.91
CA ALA A 27 2.82 11.98 -41.30
C ALA A 27 3.08 10.70 -42.08
N ARG A 28 3.76 9.73 -41.46
CA ARG A 28 4.00 8.48 -42.17
C ARG A 28 2.73 7.66 -42.31
N ASN A 29 1.71 7.97 -41.51
CA ASN A 29 0.38 7.38 -41.66
C ASN A 29 -0.49 8.12 -42.67
N GLY A 30 0.08 9.09 -43.39
CA GLY A 30 -0.66 9.78 -44.43
C GLY A 30 -1.31 11.08 -44.02
N TRP A 31 -1.21 11.48 -42.76
CA TRP A 31 -1.78 12.74 -42.33
C TRP A 31 -1.02 13.90 -42.98
N GLN A 32 -1.72 15.01 -43.19
CA GLN A 32 -1.07 16.25 -43.58
C GLN A 32 -0.71 17.00 -42.30
N VAL A 33 0.58 17.12 -42.03
CA VAL A 33 1.07 17.61 -40.75
C VAL A 33 1.84 18.90 -40.97
N ASN A 34 1.40 19.97 -40.30
CA ASN A 34 2.14 21.22 -40.20
C ASN A 34 2.49 21.47 -38.74
N LEU A 35 3.75 21.78 -38.50
CA LEU A 35 4.28 21.92 -37.15
C LEU A 35 4.91 23.30 -37.04
N PHE A 36 4.49 24.08 -36.05
CA PHE A 36 4.93 25.46 -35.86
C PHE A 36 5.71 25.57 -34.56
N GLU A 37 6.89 26.20 -34.63
CA GLU A 37 7.79 26.26 -33.50
C GLU A 37 8.24 27.71 -33.29
N ARG A 38 8.20 28.16 -32.03
CA ARG A 38 8.56 29.53 -31.73
CA ARG A 38 8.57 29.54 -31.72
C ARG A 38 10.06 29.78 -31.92
N ARG A 39 10.89 28.81 -31.57
CA ARG A 39 12.34 28.95 -31.66
C ARG A 39 12.82 28.80 -33.10
N PRO A 40 14.04 29.23 -33.39
CA PRO A 40 14.64 28.94 -34.70
C PRO A 40 14.99 27.47 -34.84
N ASP A 41 15.27 27.08 -36.07
CA ASP A 41 15.67 25.69 -36.34
C ASP A 41 17.07 25.45 -35.78
N PRO A 42 17.24 24.57 -34.79
CA PRO A 42 18.58 24.36 -34.23
C PRO A 42 19.53 23.66 -35.18
N ARG A 43 19.02 23.06 -36.27
CA ARG A 43 19.88 22.45 -37.27
C ARG A 43 20.56 23.48 -38.16
N ILE A 44 20.13 24.74 -38.14
CA ILE A 44 20.84 25.80 -38.85
C ILE A 44 21.98 26.26 -37.96
N GLU A 45 23.20 25.91 -38.33
CA GLU A 45 24.36 26.17 -37.48
C GLU A 45 24.68 27.66 -37.48
N THR A 46 24.90 28.22 -36.30
CA THR A 46 25.26 29.62 -36.12
C THR A 46 26.57 29.71 -35.36
N GLY A 47 27.01 30.94 -35.10
CA GLY A 47 28.17 31.11 -34.27
C GLY A 47 27.90 31.15 -32.79
N ALA A 48 26.66 30.96 -32.35
CA ALA A 48 26.36 30.95 -30.93
C ALA A 48 26.88 29.67 -30.29
N ARG A 49 27.22 29.75 -29.01
CA ARG A 49 27.72 28.59 -28.27
C ARG A 49 26.55 27.89 -27.60
N GLY A 50 26.00 26.87 -28.26
CA GLY A 50 24.88 26.15 -27.70
C GLY A 50 25.25 25.45 -26.40
N ARG A 51 24.28 25.39 -25.49
CA ARG A 51 24.47 24.78 -24.18
C ARG A 51 23.27 23.88 -23.89
N SER A 52 23.49 22.57 -23.97
CA SER A 52 22.41 21.59 -23.90
C SER A 52 22.59 20.71 -22.67
N ILE A 53 21.49 20.32 -22.06
CA ILE A 53 21.55 19.35 -20.98
C ILE A 53 21.29 17.96 -21.56
N ASN A 54 21.57 16.93 -20.78
N ASN A 54 21.63 16.95 -20.78
CA ASN A 54 21.37 15.56 -21.22
CA ASN A 54 21.35 15.56 -21.13
C ASN A 54 20.26 14.90 -20.39
C ASN A 54 20.04 15.12 -20.49
N LEU A 55 19.47 14.07 -21.05
CA LEU A 55 18.27 13.46 -20.50
C LEU A 55 18.50 11.97 -20.33
N ALA A 56 17.87 11.40 -19.31
CA ALA A 56 17.91 9.96 -19.09
C ALA A 56 16.80 9.32 -19.91
N LEU A 57 17.18 8.55 -20.93
CA LEU A 57 16.25 7.85 -21.80
C LEU A 57 16.10 6.42 -21.31
N ALA A 58 14.87 6.03 -20.97
CA ALA A 58 14.57 4.73 -20.42
C ALA A 58 13.75 3.91 -21.42
N GLU A 59 13.28 2.74 -20.99
CA GLU A 59 12.64 1.81 -21.91
C GLU A 59 11.36 2.41 -22.52
N ARG A 60 10.58 3.13 -21.72
CA ARG A 60 9.38 3.78 -22.25
C ARG A 60 9.71 4.68 -23.43
N GLY A 61 10.71 5.54 -23.26
CA GLY A 61 11.09 6.43 -24.35
C GLY A 61 11.74 5.69 -25.48
N ALA A 62 12.58 4.70 -25.16
CA ALA A 62 13.26 3.93 -26.21
C ALA A 62 12.26 3.16 -27.06
N HIS A 63 11.25 2.55 -26.43
CA HIS A 63 10.24 1.83 -27.20
C HIS A 63 9.45 2.77 -28.09
N ALA A 64 9.14 3.97 -27.60
CA ALA A 64 8.45 4.95 -28.45
C ALA A 64 9.31 5.29 -29.67
N LEU A 65 10.60 5.52 -29.46
CA LEU A 65 11.51 5.77 -30.58
C LEU A 65 11.63 4.54 -31.47
N ARG A 66 11.62 3.35 -30.87
CA ARG A 66 11.65 2.11 -31.64
C ARG A 66 10.46 2.02 -32.59
N LEU A 67 9.25 2.29 -32.07
CA LEU A 67 8.07 2.28 -32.92
C LEU A 67 8.21 3.27 -34.06
N ALA A 68 8.88 4.39 -33.82
CA ALA A 68 9.05 5.42 -34.84
C ALA A 68 10.18 5.12 -35.82
N GLY A 69 10.94 4.04 -35.61
CA GLY A 69 12.06 3.75 -36.47
C GLY A 69 13.29 4.60 -36.22
N LEU A 70 13.39 5.22 -35.05
CA LEU A 70 14.48 6.14 -34.76
C LEU A 70 15.39 5.70 -33.62
N GLU A 71 15.20 4.51 -33.06
CA GLU A 71 15.93 4.15 -31.85
C GLU A 71 17.43 4.01 -32.12
N ARG A 72 17.80 3.31 -33.19
CA ARG A 72 19.21 3.07 -33.44
C ARG A 72 19.95 4.38 -33.68
N GLU A 73 19.33 5.31 -34.40
CA GLU A 73 19.98 6.60 -34.66
C GLU A 73 20.20 7.37 -33.36
N VAL A 74 19.22 7.33 -32.44
CA VAL A 74 19.34 8.02 -31.16
C VAL A 74 20.39 7.33 -30.28
N LEU A 75 20.33 6.00 -30.19
CA LEU A 75 21.27 5.31 -29.31
C LEU A 75 22.70 5.42 -29.81
N ALA A 76 22.88 5.61 -31.13
CA ALA A 76 24.23 5.82 -31.65
C ALA A 76 24.89 7.03 -31.02
N GLU A 77 24.10 7.99 -30.54
CA GLU A 77 24.62 9.22 -29.96
C GLU A 77 24.37 9.32 -28.45
N ALA A 78 24.15 8.19 -27.78
CA ALA A 78 23.83 8.17 -26.36
C ALA A 78 24.89 7.41 -25.57
N VAL A 79 25.12 7.86 -24.33
CA VAL A 79 26.07 7.18 -23.44
C VAL A 79 25.30 6.17 -22.59
N MET A 80 25.78 4.93 -22.56
CA MET A 80 25.15 3.89 -21.79
C MET A 80 25.43 4.08 -20.30
N MET A 81 24.39 4.06 -19.48
CA MET A 81 24.54 4.13 -18.03
C MET A 81 24.11 2.78 -17.46
N ARG A 82 25.08 1.98 -17.04
N ARG A 82 25.08 1.98 -17.04
CA ARG A 82 24.82 0.63 -16.57
CA ARG A 82 24.80 0.63 -16.57
C ARG A 82 24.33 0.58 -15.12
C ARG A 82 24.33 0.57 -15.12
N GLY A 83 24.35 1.70 -14.41
CA GLY A 83 23.91 1.70 -13.03
C GLY A 83 24.02 3.08 -12.43
N ARG A 84 23.69 3.16 -11.15
CA ARG A 84 23.80 4.38 -10.38
C ARG A 84 25.12 4.37 -9.64
N MET A 85 25.85 5.46 -9.68
CA MET A 85 27.04 5.62 -8.86
C MET A 85 26.65 6.55 -7.74
N VAL A 86 26.48 5.97 -6.55
CA VAL A 86 25.96 6.71 -5.40
C VAL A 86 27.15 7.20 -4.59
N HIS A 87 27.24 8.51 -4.42
CA HIS A 87 28.30 9.14 -3.64
C HIS A 87 27.70 9.53 -2.31
N VAL A 88 28.04 8.78 -1.27
CA VAL A 88 27.59 9.07 0.09
C VAL A 88 28.82 9.29 0.96
N PRO A 89 28.89 10.39 1.71
CA PRO A 89 30.07 10.66 2.53
C PRO A 89 30.35 9.53 3.51
N GLY A 90 31.63 9.21 3.68
CA GLY A 90 32.11 8.18 4.56
C GLY A 90 32.45 6.86 3.89
N THR A 91 31.81 6.56 2.76
CA THR A 91 32.03 5.35 1.96
C THR A 91 32.50 5.72 0.57
N PRO A 92 33.33 4.88 -0.05
CA PRO A 92 33.69 5.08 -1.47
C PRO A 92 32.46 5.04 -2.35
N PRO A 93 32.49 5.68 -3.53
CA PRO A 93 31.33 5.63 -4.42
C PRO A 93 30.92 4.20 -4.74
N ASN A 94 29.62 3.94 -4.62
CA ASN A 94 29.05 2.61 -4.76
C ASN A 94 28.21 2.52 -6.02
N LEU A 95 28.55 1.58 -6.91
CA LEU A 95 27.80 1.40 -8.15
C LEU A 95 26.67 0.40 -7.90
N GLN A 96 25.44 0.85 -8.12
CA GLN A 96 24.29 -0.04 -8.03
C GLN A 96 23.78 -0.34 -9.43
N PRO A 97 24.03 -1.55 -9.96
CA PRO A 97 23.61 -1.84 -11.33
C PRO A 97 22.12 -1.69 -11.52
N TYR A 98 21.74 -1.23 -12.71
CA TYR A 98 20.33 -1.05 -13.04
C TYR A 98 19.66 -2.40 -13.30
N GLY A 99 18.38 -2.48 -12.93
CA GLY A 99 17.56 -3.64 -13.18
C GLY A 99 18.17 -4.92 -12.65
N ARG A 100 17.76 -6.06 -13.21
CA ARG A 100 18.26 -7.34 -12.74
C ARG A 100 19.30 -7.98 -13.66
N ASP A 101 19.38 -7.56 -14.92
CA ASP A 101 20.32 -8.12 -15.88
C ASP A 101 21.20 -7.02 -16.46
N ASP A 102 22.13 -7.41 -17.34
CA ASP A 102 23.09 -6.48 -17.92
C ASP A 102 22.59 -5.85 -19.22
N SER A 103 21.39 -6.21 -19.67
CA SER A 103 20.71 -5.60 -20.79
C SER A 103 19.85 -4.41 -20.40
N GLU A 104 19.62 -4.22 -19.10
CA GLU A 104 18.80 -3.12 -18.59
C GLU A 104 19.70 -1.95 -18.21
N VAL A 105 19.73 -0.95 -19.07
CA VAL A 105 20.53 0.25 -18.90
C VAL A 105 19.64 1.45 -19.19
N ILE A 106 20.12 2.62 -18.78
CA ILE A 106 19.52 3.89 -19.13
C ILE A 106 20.52 4.63 -20.00
N TRP A 107 20.01 5.42 -20.94
CA TRP A 107 20.83 6.10 -21.92
C TRP A 107 20.86 7.59 -21.61
N SER A 108 22.07 8.16 -21.61
CA SER A 108 22.23 9.61 -21.48
C SER A 108 22.30 10.21 -22.88
N ILE A 109 21.31 11.01 -23.25
CA ILE A 109 21.20 11.58 -24.59
C ILE A 109 21.16 13.09 -24.47
N ASN A 110 21.98 13.76 -25.25
CA ASN A 110 21.95 15.22 -25.32
C ASN A 110 20.63 15.68 -25.94
N ARG A 111 19.96 16.63 -25.29
CA ARG A 111 18.63 17.00 -25.75
CA ARG A 111 18.63 17.04 -25.73
C ARG A 111 18.66 17.60 -27.15
N ASP A 112 19.67 18.42 -27.46
CA ASP A 112 19.71 19.01 -28.79
CA ASP A 112 19.75 19.02 -28.79
C ASP A 112 19.97 17.95 -29.86
N ARG A 113 20.87 17.01 -29.60
CA ARG A 113 21.07 15.90 -30.53
C ARG A 113 19.76 15.17 -30.77
N LEU A 114 19.01 14.89 -29.70
CA LEU A 114 17.75 14.20 -29.84
C LEU A 114 16.75 15.03 -30.64
N ASN A 115 16.68 16.34 -30.39
CA ASN A 115 15.72 17.15 -31.12
CA ASN A 115 15.78 17.22 -31.12
C ASN A 115 16.06 17.18 -32.61
N ARG A 116 17.34 17.24 -32.96
N ARG A 116 17.34 17.22 -32.98
N ARG A 116 17.35 17.26 -32.94
CA ARG A 116 17.72 17.25 -34.37
CA ARG A 116 17.70 17.25 -34.39
CA ARG A 116 17.77 17.23 -34.34
C ARG A 116 17.37 15.92 -35.06
C ARG A 116 17.40 15.92 -35.07
C ARG A 116 17.33 15.94 -35.01
N ILE A 117 17.54 14.80 -34.35
CA ILE A 117 17.17 13.52 -34.91
C ILE A 117 15.67 13.44 -35.11
N LEU A 118 14.90 13.95 -34.15
CA LEU A 118 13.45 13.91 -34.27
C LEU A 118 12.97 14.85 -35.37
N LEU A 119 13.55 16.06 -35.46
CA LEU A 119 13.16 17.00 -36.50
C LEU A 119 13.44 16.42 -37.88
N ASP A 120 14.62 15.83 -38.07
CA ASP A 120 14.92 15.16 -39.34
C ASP A 120 13.93 14.04 -39.61
N GLY A 121 13.56 13.28 -38.57
CA GLY A 121 12.65 12.16 -38.76
C GLY A 121 11.25 12.60 -39.13
N ALA A 122 10.78 13.72 -38.55
CA ALA A 122 9.46 14.22 -38.90
C ALA A 122 9.41 14.71 -40.35
N GLU A 123 10.46 15.42 -40.78
CA GLU A 123 10.51 15.90 -42.15
C GLU A 123 10.65 14.75 -43.16
N ALA A 124 11.39 13.71 -42.81
CA ALA A 124 11.51 12.56 -43.71
C ALA A 124 10.16 11.89 -43.93
N ALA A 125 9.29 11.90 -42.92
CA ALA A 125 7.98 11.28 -43.03
C ALA A 125 6.97 12.16 -43.74
N GLY A 126 7.32 13.40 -44.05
CA GLY A 126 6.47 14.28 -44.83
C GLY A 126 5.88 15.46 -44.08
N ALA A 127 6.16 15.61 -42.79
CA ALA A 127 5.69 16.78 -42.07
C ALA A 127 6.42 18.04 -42.52
N SER A 128 5.72 19.17 -42.45
CA SER A 128 6.29 20.48 -42.72
C SER A 128 6.45 21.21 -41.41
N ILE A 129 7.66 21.70 -41.15
CA ILE A 129 8.01 22.37 -39.90
C ILE A 129 8.30 23.83 -40.19
N HIS A 130 7.64 24.71 -39.46
CA HIS A 130 7.75 26.15 -39.64
C HIS A 130 8.28 26.75 -38.35
N PHE A 131 9.49 27.28 -38.40
CA PHE A 131 10.15 27.80 -37.23
C PHE A 131 9.95 29.32 -37.13
N ASN A 132 10.35 29.86 -35.98
CA ASN A 132 10.28 31.31 -35.71
C ASN A 132 8.86 31.84 -35.75
N LEU A 133 7.89 31.00 -35.36
CA LEU A 133 6.47 31.35 -35.36
C LEU A 133 5.85 30.87 -34.06
N GLY A 134 5.48 31.80 -33.18
CA GLY A 134 4.88 31.46 -31.90
C GLY A 134 3.38 31.65 -31.92
N LEU A 135 2.67 30.71 -31.32
CA LEU A 135 1.22 30.82 -31.22
C LEU A 135 0.84 31.90 -30.22
N ASP A 136 -0.01 32.82 -30.66
CA ASP A 136 -0.51 33.91 -29.81
C ASP A 136 -1.93 33.70 -29.32
N SER A 137 -2.81 33.15 -30.17
CA SER A 137 -4.20 33.01 -29.78
C SER A 137 -4.91 32.02 -30.69
N VAL A 138 -6.04 31.51 -30.21
CA VAL A 138 -6.86 30.57 -30.96
C VAL A 138 -8.30 31.03 -30.91
N ASP A 139 -8.99 31.01 -32.04
CA ASP A 139 -10.42 31.25 -32.12
C ASP A 139 -11.05 29.90 -32.41
N PHE A 140 -11.56 29.25 -31.36
CA PHE A 140 -12.09 27.90 -31.52
C PHE A 140 -13.39 27.90 -32.33
N ALA A 141 -14.20 28.95 -32.22
CA ALA A 141 -15.46 28.98 -32.95
C ALA A 141 -15.22 29.09 -34.45
N ARG A 142 -14.26 29.91 -34.87
CA ARG A 142 -13.94 30.08 -36.28
C ARG A 142 -12.85 29.13 -36.76
N GLN A 143 -12.30 28.29 -35.88
CA GLN A 143 -11.26 27.33 -36.25
C GLN A 143 -10.05 28.04 -36.89
N ARG A 144 -9.67 29.18 -36.32
CA ARG A 144 -8.51 29.92 -36.77
C ARG A 144 -7.58 30.16 -35.59
N LEU A 145 -6.31 30.36 -35.91
CA LEU A 145 -5.32 30.66 -34.88
C LEU A 145 -4.43 31.79 -35.37
N THR A 146 -3.72 32.42 -34.44
CA THR A 146 -2.87 33.56 -34.74
C THR A 146 -1.46 33.26 -34.28
N LEU A 147 -0.51 33.40 -35.20
CA LEU A 147 0.90 33.18 -34.95
C LEU A 147 1.65 34.48 -35.17
N SER A 148 2.81 34.62 -34.54
CA SER A 148 3.66 35.78 -34.81
C SER A 148 5.12 35.41 -34.62
N ASN A 149 5.99 36.18 -35.28
CA ASN A 149 7.42 36.06 -35.08
C ASN A 149 7.85 36.84 -33.85
N VAL A 150 9.16 36.89 -33.62
CA VAL A 150 9.67 37.58 -32.44
C VAL A 150 9.39 39.08 -32.52
N SER A 151 9.26 39.64 -33.73
CA SER A 151 8.97 41.05 -33.89
C SER A 151 7.49 41.38 -33.80
N GLY A 152 6.62 40.39 -33.61
CA GLY A 152 5.21 40.63 -33.39
C GLY A 152 4.36 40.69 -34.64
N GLU A 153 4.94 40.52 -35.82
CA GLU A 153 4.14 40.46 -37.05
C GLU A 153 3.29 39.19 -37.03
N ARG A 154 1.98 39.36 -37.23
CA ARG A 154 1.02 38.29 -37.00
C ARG A 154 0.59 37.61 -38.30
N LEU A 155 0.24 36.33 -38.18
CA LEU A 155 -0.23 35.52 -39.30
C LEU A 155 -1.35 34.61 -38.81
N GLU A 156 -2.47 34.61 -39.55
CA GLU A 156 -3.62 33.80 -39.22
C GLU A 156 -3.66 32.54 -40.09
N LYS A 157 -4.06 31.42 -39.48
CA LYS A 157 -4.20 30.16 -40.17
C LYS A 157 -5.49 29.47 -39.74
N ARG A 158 -6.16 28.81 -40.69
CA ARG A 158 -7.23 27.90 -40.32
C ARG A 158 -6.62 26.60 -39.81
N PHE A 159 -7.31 25.95 -38.87
CA PHE A 159 -6.88 24.63 -38.42
C PHE A 159 -8.09 23.71 -38.33
N HIS A 160 -7.83 22.41 -38.43
CA HIS A 160 -8.84 21.37 -38.25
C HIS A 160 -8.65 20.64 -36.94
N LEU A 161 -7.43 20.21 -36.64
CA LEU A 161 -7.09 19.60 -35.38
C LEU A 161 -5.84 20.28 -34.84
N LEU A 162 -5.87 20.69 -33.58
CA LEU A 162 -4.77 21.43 -32.97
C LEU A 162 -4.15 20.57 -31.88
N ILE A 163 -2.85 20.32 -31.99
CA ILE A 163 -2.14 19.57 -30.97
C ILE A 163 -1.22 20.54 -30.24
N GLY A 164 -1.47 20.71 -28.95
CA GLY A 164 -0.61 21.54 -28.13
C GLY A 164 0.52 20.71 -27.56
N ALA A 165 1.67 20.74 -28.22
CA ALA A 165 2.89 20.11 -27.74
C ALA A 165 3.93 21.17 -27.38
N ASP A 166 3.48 22.28 -26.80
CA ASP A 166 4.32 23.47 -26.68
C ASP A 166 4.81 23.70 -25.25
N GLY A 167 5.00 22.63 -24.48
CA GLY A 167 5.78 22.73 -23.26
C GLY A 167 5.01 23.17 -22.02
N CYS A 168 5.78 23.36 -20.95
CA CYS A 168 5.20 23.65 -19.63
CA CYS A 168 5.17 23.63 -19.65
C CYS A 168 4.42 24.95 -19.61
N ASN A 169 4.78 25.90 -20.47
CA ASN A 169 4.09 27.19 -20.55
C ASN A 169 3.21 27.27 -21.79
N SER A 170 2.56 26.16 -22.13
CA SER A 170 1.77 26.00 -23.35
C SER A 170 0.84 27.17 -23.63
N ALA A 171 1.01 27.79 -24.80
CA ALA A 171 0.05 28.79 -25.26
C ALA A 171 -1.26 28.12 -25.70
N VAL A 172 -1.20 26.86 -26.15
CA VAL A 172 -2.44 26.16 -26.50
C VAL A 172 -3.28 25.94 -25.25
N ARG A 173 -2.64 25.53 -24.14
CA ARG A 173 -3.36 25.37 -22.88
C ARG A 173 -4.03 26.68 -22.48
N GLN A 174 -3.30 27.80 -22.60
CA GLN A 174 -3.88 29.11 -22.27
C GLN A 174 -5.11 29.39 -23.12
N ALA A 175 -5.06 29.10 -24.41
CA ALA A 175 -6.21 29.33 -25.28
C ALA A 175 -7.37 28.42 -24.91
N MET A 176 -7.09 27.15 -24.59
CA MET A 176 -8.14 26.22 -24.22
C MET A 176 -8.87 26.67 -22.95
N ALA A 177 -8.11 27.15 -21.95
CA ALA A 177 -8.70 27.57 -20.67
C ALA A 177 -9.62 28.77 -20.83
N SER A 178 -9.69 29.33 -22.03
CA SER A 178 -10.59 30.42 -22.33
C SER A 178 -11.97 29.95 -22.78
N VAL A 179 -12.12 28.67 -23.11
CA VAL A 179 -13.37 28.16 -23.69
C VAL A 179 -13.82 26.92 -22.95
N VAL A 180 -12.93 26.35 -22.14
CA VAL A 180 -13.25 25.19 -21.30
C VAL A 180 -12.54 25.38 -19.96
N ASP A 181 -13.20 24.95 -18.88
CA ASP A 181 -12.56 24.90 -17.57
C ASP A 181 -11.65 23.68 -17.54
N LEU A 182 -10.34 23.91 -17.62
CA LEU A 182 -9.39 22.80 -17.58
C LEU A 182 -9.23 22.23 -16.17
N GLY A 183 -9.77 22.90 -15.16
CA GLY A 183 -9.62 22.46 -13.79
C GLY A 183 -8.17 22.37 -13.36
N GLU A 184 -7.45 23.47 -13.46
CA GLU A 184 -6.02 23.46 -13.21
C GLU A 184 -5.72 23.55 -11.72
N HIS A 185 -4.75 22.76 -11.28
CA HIS A 185 -4.25 22.80 -9.90
C HIS A 185 -2.73 22.87 -10.00
N LEU A 186 -2.17 24.04 -9.73
CA LEU A 186 -0.73 24.23 -9.76
C LEU A 186 -0.19 23.97 -8.36
N GLU A 187 0.74 23.03 -8.25
CA GLU A 187 1.41 22.72 -6.99
C GLU A 187 2.86 23.15 -7.16
N THR A 188 3.20 24.28 -6.55
CA THR A 188 4.56 24.79 -6.64
C THR A 188 5.51 23.91 -5.81
N GLN A 189 6.74 23.80 -6.28
CA GLN A 189 7.75 22.99 -5.64
C GLN A 189 8.76 23.90 -4.95
N PRO A 190 9.10 23.64 -3.68
CA PRO A 190 10.03 24.53 -2.97
C PRO A 190 11.47 24.42 -3.44
N HIS A 191 11.80 23.43 -4.27
CA HIS A 191 13.16 23.27 -4.76
C HIS A 191 13.31 23.98 -6.09
N GLY A 192 14.39 24.74 -6.21
CA GLY A 192 14.89 25.17 -7.50
C GLY A 192 16.06 24.30 -7.93
N TYR A 193 16.54 24.56 -9.14
CA TYR A 193 17.67 23.80 -9.65
C TYR A 193 18.63 24.74 -10.36
N LYS A 194 19.90 24.34 -10.37
CA LYS A 194 20.96 25.05 -11.07
C LYS A 194 21.79 24.02 -11.81
N GLU A 195 22.04 24.26 -13.09
CA GLU A 195 22.80 23.34 -13.90
C GLU A 195 24.26 23.78 -13.94
N LEU A 196 25.15 22.84 -13.66
CA LEU A 196 26.58 23.09 -13.59
C LEU A 196 27.28 22.10 -14.50
N GLN A 197 28.59 22.26 -14.65
CA GLN A 197 29.30 21.53 -15.69
C GLN A 197 30.60 20.98 -15.17
N ILE A 198 30.90 19.74 -15.54
CA ILE A 198 32.21 19.13 -15.34
C ILE A 198 32.84 18.94 -16.71
N THR A 199 34.05 19.47 -16.89
CA THR A 199 34.72 19.38 -18.18
C THR A 199 35.24 17.96 -18.41
N PRO A 200 35.54 17.61 -19.66
CA PRO A 200 36.18 16.30 -19.90
C PRO A 200 37.51 16.14 -19.18
N GLU A 201 38.29 17.22 -19.10
CA GLU A 201 39.56 17.19 -18.38
C GLU A 201 39.35 16.87 -16.91
N ALA A 202 38.38 17.56 -16.28
CA ALA A 202 38.14 17.36 -14.85
C ALA A 202 37.60 15.96 -14.57
N SER A 203 36.66 15.48 -15.39
CA SER A 203 36.09 14.17 -15.14
C SER A 203 37.14 13.08 -15.33
N ALA A 204 38.02 13.25 -16.32
CA ALA A 204 39.12 12.28 -16.48
C ALA A 204 40.11 12.39 -15.33
N GLN A 205 40.43 13.61 -14.92
CA GLN A 205 41.42 13.79 -13.86
C GLN A 205 40.98 13.14 -12.55
N PHE A 206 39.68 13.13 -12.28
CA PHE A 206 39.16 12.55 -11.05
C PHE A 206 38.53 11.17 -11.25
N ASN A 207 38.72 10.57 -12.43
CA ASN A 207 38.30 9.18 -12.70
C ASN A 207 36.81 8.99 -12.46
N LEU A 208 36.01 9.99 -12.83
CA LEU A 208 34.57 9.88 -12.73
C LEU A 208 34.04 8.95 -13.83
N GLU A 209 33.36 7.88 -13.43
CA GLU A 209 32.96 6.83 -14.35
C GLU A 209 31.99 7.36 -15.41
N PRO A 210 32.30 7.23 -16.70
CA PRO A 210 31.41 7.78 -17.73
C PRO A 210 30.13 6.98 -17.93
N ASN A 211 30.17 5.67 -17.72
CA ASN A 211 29.02 4.83 -18.09
C ASN A 211 28.15 4.55 -16.87
N ALA A 212 27.75 5.61 -16.19
CA ALA A 212 26.93 5.52 -14.99
C ALA A 212 26.24 6.85 -14.78
N LEU A 213 25.14 6.81 -14.04
CA LEU A 213 24.47 8.01 -13.56
C LEU A 213 24.91 8.24 -12.12
N HIS A 214 25.36 9.46 -11.84
CA HIS A 214 25.94 9.78 -10.53
C HIS A 214 24.97 10.60 -9.70
N ILE A 215 24.86 10.24 -8.41
CA ILE A 215 24.00 10.92 -7.46
C ILE A 215 24.82 11.28 -6.22
N TRP A 216 24.66 12.52 -5.74
CA TRP A 216 25.17 12.96 -4.45
C TRP A 216 23.99 13.27 -3.53
N PRO A 217 23.45 12.30 -2.81
CA PRO A 217 22.34 12.58 -1.88
C PRO A 217 22.81 13.46 -0.73
N HIS A 218 21.90 14.31 -0.25
CA HIS A 218 22.20 15.13 0.93
C HIS A 218 20.93 15.66 1.59
N GLY A 219 19.90 14.82 1.69
CA GLY A 219 18.72 15.19 2.45
C GLY A 219 17.83 16.21 1.76
N ASP A 220 17.78 17.42 2.29
CA ASP A 220 16.96 18.48 1.70
C ASP A 220 17.52 19.00 0.38
N TYR A 221 18.73 18.60 0.00
CA TYR A 221 19.32 18.99 -1.27
C TYR A 221 20.14 17.83 -1.81
N MET A 222 20.54 17.94 -3.08
CA MET A 222 21.31 16.89 -3.73
C MET A 222 21.84 17.40 -5.06
N CYS A 223 22.84 16.70 -5.59
CA CYS A 223 23.32 16.90 -6.95
C CYS A 223 23.24 15.58 -7.71
N ILE A 224 23.04 15.67 -9.02
CA ILE A 224 23.15 14.51 -9.90
C ILE A 224 23.85 14.94 -11.18
N ALA A 225 24.56 13.99 -11.79
CA ALA A 225 25.33 14.26 -12.99
C ALA A 225 25.08 13.18 -14.04
N LEU A 226 24.89 13.62 -15.28
CA LEU A 226 24.72 12.73 -16.42
C LEU A 226 25.84 12.94 -17.42
N PRO A 227 26.38 11.86 -17.99
CA PRO A 227 27.55 11.98 -18.87
C PRO A 227 27.19 12.36 -20.30
N ASN A 228 28.14 13.02 -20.94
N ASN A 228 28.13 13.04 -20.94
CA ASN A 228 28.07 13.35 -22.36
CA ASN A 228 28.08 13.34 -22.36
C ASN A 228 29.06 12.49 -23.13
C ASN A 228 29.02 12.41 -23.13
N LEU A 229 28.90 12.45 -24.46
CA LEU A 229 29.75 11.60 -25.30
C LEU A 229 31.21 11.99 -25.19
N ASP A 230 31.49 13.28 -24.94
CA ASP A 230 32.85 13.79 -24.89
C ASP A 230 33.43 13.76 -23.50
N ARG A 231 32.81 13.02 -22.57
CA ARG A 231 33.23 12.80 -21.18
C ARG A 231 32.91 13.98 -20.28
N SER A 232 32.34 15.07 -20.79
CA SER A 232 31.82 16.06 -19.88
C SER A 232 30.57 15.52 -19.19
N PHE A 233 30.22 16.13 -18.06
CA PHE A 233 29.01 15.82 -17.34
C PHE A 233 28.23 17.11 -17.13
N THR A 234 26.91 17.03 -17.19
CA THR A 234 26.04 18.11 -16.76
C THR A 234 25.53 17.77 -15.37
N VAL A 235 25.80 18.65 -14.41
CA VAL A 235 25.42 18.44 -13.02
C VAL A 235 24.22 19.31 -12.72
N THR A 236 23.26 18.76 -11.99
CA THR A 236 22.11 19.53 -11.54
C THR A 236 22.07 19.52 -10.02
N LEU A 237 22.10 20.72 -9.43
CA LEU A 237 21.90 20.91 -8.01
C LEU A 237 20.42 21.18 -7.74
N PHE A 238 19.85 20.46 -6.78
CA PHE A 238 18.49 20.70 -6.32
C PHE A 238 18.55 21.24 -4.91
N LEU A 239 17.96 22.42 -4.69
CA LEU A 239 18.11 23.13 -3.43
C LEU A 239 16.94 24.09 -3.26
N HIS A 240 16.50 24.25 -2.01
CA HIS A 240 15.38 25.15 -1.71
C HIS A 240 15.65 26.56 -2.23
N HIS A 241 14.60 27.18 -2.77
CA HIS A 241 14.67 28.60 -3.10
C HIS A 241 14.98 29.44 -1.87
N GLN A 242 14.17 29.28 -0.82
CA GLN A 242 14.29 30.09 0.39
C GLN A 242 14.49 29.18 1.60
N SER A 243 15.21 29.70 2.58
CA SER A 243 15.32 29.01 3.85
C SER A 243 14.03 29.17 4.64
N PRO A 244 13.42 28.10 5.12
CA PRO A 244 12.19 28.22 5.90
C PRO A 244 12.45 28.95 7.21
N ALA A 245 11.38 29.49 7.79
CA ALA A 245 11.49 30.16 9.08
C ALA A 245 11.87 29.19 10.18
N ALA A 246 11.39 27.94 10.09
CA ALA A 246 11.73 26.93 11.09
C ALA A 246 13.22 26.60 11.07
N GLN A 247 13.83 26.60 9.88
CA GLN A 247 15.23 26.27 9.70
C GLN A 247 15.90 27.48 9.04
N PRO A 248 16.19 28.54 9.82
CA PRO A 248 16.69 29.77 9.20
C PRO A 248 18.09 29.67 8.65
N ALA A 249 18.90 28.73 9.13
CA ALA A 249 20.26 28.55 8.64
C ALA A 249 20.39 27.45 7.59
N SER A 250 19.28 26.82 7.21
CA SER A 250 19.36 25.75 6.23
C SER A 250 19.79 26.29 4.87
N PRO A 251 20.59 25.54 4.12
CA PRO A 251 21.03 26.02 2.80
C PRO A 251 19.85 26.31 1.88
N SER A 252 19.97 27.39 1.12
CA SER A 252 19.01 27.72 0.08
C SER A 252 19.74 28.58 -0.95
N PHE A 253 19.10 28.77 -2.11
CA PHE A 253 19.71 29.61 -3.13
C PHE A 253 19.86 31.05 -2.67
N ALA A 254 18.92 31.53 -1.86
CA ALA A 254 18.98 32.91 -1.37
C ALA A 254 20.21 33.16 -0.53
N GLN A 255 20.76 32.13 0.11
CA GLN A 255 21.98 32.29 0.89
C GLN A 255 23.23 32.21 0.03
N LEU A 256 23.13 31.72 -1.20
CA LEU A 256 24.26 31.66 -2.13
C LEU A 256 24.17 32.88 -3.03
N VAL A 257 24.59 34.03 -2.49
CA VAL A 257 24.44 35.29 -3.21
C VAL A 257 25.37 35.37 -4.40
N ASP A 258 26.49 34.64 -4.38
CA ASP A 258 27.44 34.66 -5.48
C ASP A 258 28.14 33.32 -5.56
N GLY A 259 29.08 33.21 -6.51
CA GLY A 259 29.79 31.97 -6.70
C GLY A 259 30.72 31.61 -5.56
N HIS A 260 31.24 32.62 -4.86
CA HIS A 260 32.13 32.34 -3.73
C HIS A 260 31.38 31.68 -2.59
N ALA A 261 30.16 32.15 -2.29
CA ALA A 261 29.31 31.45 -1.33
C ALA A 261 29.01 30.04 -1.81
N ALA A 262 28.66 29.91 -3.09
CA ALA A 262 28.39 28.58 -3.66
C ALA A 262 29.61 27.67 -3.53
N ARG A 263 30.81 28.21 -3.76
CA ARG A 263 32.02 27.42 -3.65
C ARG A 263 32.22 26.90 -2.23
N ARG A 264 32.10 27.78 -1.23
CA ARG A 264 32.26 27.35 0.15
C ARG A 264 31.20 26.32 0.53
N PHE A 265 29.97 26.51 0.03
CA PHE A 265 28.90 25.55 0.27
C PHE A 265 29.26 24.17 -0.28
N PHE A 266 29.76 24.12 -1.51
CA PHE A 266 30.10 22.84 -2.11
C PHE A 266 31.30 22.19 -1.42
N GLN A 267 32.29 22.99 -1.02
CA GLN A 267 33.43 22.43 -0.31
C GLN A 267 33.01 21.78 0.99
N ARG A 268 31.99 22.32 1.66
CA ARG A 268 31.56 21.77 2.94
C ARG A 268 30.61 20.59 2.75
N GLN A 269 29.65 20.69 1.81
CA GLN A 269 28.59 19.69 1.71
C GLN A 269 28.79 18.68 0.59
N PHE A 270 29.61 18.98 -0.41
CA PHE A 270 29.92 18.03 -1.49
C PHE A 270 31.43 18.00 -1.71
N PRO A 271 32.20 17.55 -0.72
CA PRO A 271 33.67 17.70 -0.80
C PRO A 271 34.31 16.92 -1.93
N ASP A 272 33.76 15.78 -2.34
CA ASP A 272 34.37 15.02 -3.43
C ASP A 272 33.93 15.50 -4.80
N LEU A 273 32.92 16.36 -4.88
CA LEU A 273 32.42 16.89 -6.14
C LEU A 273 32.98 18.27 -6.45
N SER A 274 33.15 19.10 -5.44
CA SER A 274 33.63 20.47 -5.65
C SER A 274 34.91 20.58 -6.46
N PRO A 275 35.94 19.74 -6.28
CA PRO A 275 37.14 19.87 -7.13
C PRO A 275 36.88 19.67 -8.61
N MET A 276 35.80 18.97 -8.98
CA MET A 276 35.50 18.73 -10.39
C MET A 276 34.74 19.88 -11.04
N LEU A 277 34.27 20.86 -10.27
CA LEU A 277 33.46 21.95 -10.80
C LEU A 277 34.37 23.16 -10.99
N ASP A 278 35.07 23.17 -12.14
CA ASP A 278 36.05 24.21 -12.39
C ASP A 278 35.40 25.59 -12.53
N SER A 279 34.21 25.64 -13.13
CA SER A 279 33.52 26.89 -13.40
C SER A 279 32.34 27.13 -12.47
N LEU A 280 32.41 26.57 -11.26
CA LEU A 280 31.29 26.68 -10.33
C LEU A 280 30.87 28.13 -10.12
N GLU A 281 31.85 29.01 -9.90
CA GLU A 281 31.55 30.42 -9.66
C GLU A 281 30.87 31.05 -10.88
N GLN A 282 31.45 30.89 -12.06
CA GLN A 282 30.89 31.52 -13.26
C GLN A 282 29.53 30.93 -13.61
N ASP A 283 29.43 29.59 -13.63
CA ASP A 283 28.16 28.94 -13.96
C ASP A 283 27.06 29.36 -13.00
N PHE A 284 27.39 29.50 -11.72
CA PHE A 284 26.37 29.78 -10.71
C PHE A 284 25.75 31.15 -10.92
N GLU A 285 26.54 32.14 -11.34
CA GLU A 285 26.06 33.51 -11.48
C GLU A 285 25.52 33.82 -12.87
N HIS A 286 25.95 33.09 -13.90
CA HIS A 286 25.52 33.38 -15.27
C HIS A 286 24.40 32.46 -15.75
N HIS A 287 24.14 31.36 -15.05
CA HIS A 287 23.01 30.49 -15.38
C HIS A 287 21.86 30.78 -14.44
N PRO A 288 20.64 30.94 -14.93
CA PRO A 288 19.53 31.28 -14.04
C PRO A 288 19.08 30.09 -13.21
N THR A 289 18.51 30.39 -12.04
CA THR A 289 17.97 29.35 -11.16
C THR A 289 16.61 28.93 -11.70
N GLY A 290 16.48 27.64 -12.00
CA GLY A 290 15.25 27.14 -12.58
C GLY A 290 14.19 26.88 -11.54
N LYS A 291 12.94 26.85 -12.00
CA LYS A 291 11.79 26.61 -11.14
C LYS A 291 11.14 25.28 -11.48
N LEU A 292 10.52 24.67 -10.49
CA LEU A 292 9.88 23.37 -10.62
C LEU A 292 8.44 23.44 -10.15
N ALA A 293 7.56 22.73 -10.83
CA ALA A 293 6.15 22.75 -10.51
C ALA A 293 5.49 21.49 -11.03
N THR A 294 4.36 21.16 -10.42
CA THR A 294 3.46 20.12 -10.90
C THR A 294 2.12 20.74 -11.22
N LEU A 295 1.64 20.54 -12.44
CA LEU A 295 0.37 21.10 -12.88
C LEU A 295 -0.53 19.96 -13.34
N ARG A 296 -1.67 19.81 -12.66
CA ARG A 296 -2.61 18.74 -12.96
C ARG A 296 -3.87 19.32 -13.58
N LEU A 297 -4.31 18.73 -14.69
CA LEU A 297 -5.51 19.16 -15.39
C LEU A 297 -6.53 18.03 -15.37
N THR A 298 -7.80 18.38 -15.16
CA THR A 298 -8.85 17.38 -15.22
C THR A 298 -9.16 16.97 -16.66
N THR A 299 -9.05 17.90 -17.61
CA THR A 299 -9.30 17.62 -19.01
C THR A 299 -8.14 18.12 -19.86
N TRP A 300 -7.84 17.37 -20.91
CA TRP A 300 -6.74 17.68 -21.81
C TRP A 300 -7.19 18.10 -23.19
N HIS A 301 -8.50 18.20 -23.45
CA HIS A 301 -8.93 18.43 -24.81
C HIS A 301 -10.19 19.29 -24.84
N VAL A 302 -10.43 19.89 -25.98
CA VAL A 302 -11.64 20.65 -26.27
C VAL A 302 -12.32 19.94 -27.44
N GLY A 303 -13.38 19.19 -27.14
CA GLY A 303 -14.09 18.46 -28.19
C GLY A 303 -13.13 17.63 -29.01
N GLY A 304 -13.27 17.70 -30.32
CA GLY A 304 -12.30 17.12 -31.24
C GLY A 304 -11.38 18.14 -31.89
N GLN A 305 -11.33 19.36 -31.36
CA GLN A 305 -10.58 20.46 -31.96
C GLN A 305 -9.15 20.56 -31.48
N ALA A 306 -8.91 20.37 -30.18
CA ALA A 306 -7.58 20.62 -29.62
C ALA A 306 -7.30 19.64 -28.50
N VAL A 307 -6.01 19.31 -28.33
CA VAL A 307 -5.56 18.39 -27.29
C VAL A 307 -4.17 18.82 -26.85
N LEU A 308 -3.85 18.56 -25.59
CA LEU A 308 -2.52 18.81 -25.04
C LEU A 308 -1.81 17.47 -24.84
N LEU A 309 -0.49 17.49 -24.94
CA LEU A 309 0.30 16.32 -24.57
C LEU A 309 1.68 16.75 -24.10
N GLY A 310 2.38 15.82 -23.46
CA GLY A 310 3.70 16.16 -22.96
C GLY A 310 3.62 17.14 -21.80
N ASP A 311 4.65 17.98 -21.69
CA ASP A 311 4.68 18.99 -20.65
C ASP A 311 3.52 19.97 -20.75
N ALA A 312 2.93 20.13 -21.94
CA ALA A 312 1.77 21.00 -22.05
C ALA A 312 0.60 20.46 -21.24
N ALA A 313 0.47 19.15 -21.17
CA ALA A 313 -0.66 18.54 -20.46
C ALA A 313 -0.36 18.30 -18.99
N HIS A 314 0.87 17.98 -18.63
CA HIS A 314 1.19 17.54 -17.28
C HIS A 314 2.61 17.94 -16.92
N PRO A 315 2.85 19.22 -16.68
CA PRO A 315 4.14 19.62 -16.11
C PRO A 315 4.41 18.84 -14.84
N MET A 316 5.63 18.32 -14.72
CA MET A 316 5.99 17.50 -13.56
C MET A 316 7.41 17.83 -13.14
N VAL A 317 7.73 17.44 -11.91
CA VAL A 317 9.09 17.61 -11.40
C VAL A 317 10.00 16.57 -12.03
N PRO A 318 11.26 16.89 -12.30
CA PRO A 318 12.14 15.97 -13.05
C PRO A 318 12.77 14.87 -12.20
N PHE A 319 12.32 14.66 -10.96
CA PHE A 319 13.03 13.82 -10.01
C PHE A 319 13.04 12.35 -10.39
N HIS A 320 12.26 11.93 -11.39
CA HIS A 320 12.25 10.54 -11.82
C HIS A 320 12.86 10.36 -13.20
N GLY A 321 13.30 11.45 -13.85
CA GLY A 321 13.82 11.34 -15.20
C GLY A 321 12.82 10.78 -16.18
N GLN A 322 11.55 11.16 -16.05
CA GLN A 322 10.47 10.55 -16.79
C GLN A 322 9.67 11.52 -17.64
N GLY A 323 9.91 12.82 -17.53
CA GLY A 323 9.20 13.79 -18.33
C GLY A 323 9.29 13.52 -19.82
N MET A 324 10.52 13.44 -20.35
CA MET A 324 10.70 13.11 -21.76
CA MET A 324 10.70 13.12 -21.75
C MET A 324 10.14 11.73 -22.07
N ASN A 325 10.44 10.75 -21.21
CA ASN A 325 9.93 9.40 -21.46
C ASN A 325 8.41 9.37 -21.50
N CYS A 326 7.76 10.07 -20.56
CA CYS A 326 6.30 10.15 -20.60
C CYS A 326 5.82 10.89 -21.84
N ALA A 327 6.50 11.98 -22.21
CA ALA A 327 6.09 12.74 -23.38
C ALA A 327 6.17 11.89 -24.65
N LEU A 328 7.21 11.09 -24.80
CA LEU A 328 7.30 10.24 -25.99
C LEU A 328 6.23 9.16 -25.96
N GLU A 329 5.95 8.60 -24.79
CA GLU A 329 4.86 7.65 -24.65
C GLU A 329 3.51 8.30 -24.97
N ASP A 330 3.29 9.53 -24.50
CA ASP A 330 2.08 10.27 -24.87
C ASP A 330 1.93 10.34 -26.39
N ALA A 331 3.01 10.71 -27.08
CA ALA A 331 2.94 10.89 -28.53
C ALA A 331 2.47 9.62 -29.22
N VAL A 332 3.04 8.47 -28.83
CA VAL A 332 2.63 7.20 -29.41
C VAL A 332 1.15 6.94 -29.16
N ALA A 333 0.69 7.20 -27.93
CA ALA A 333 -0.72 6.95 -27.62
C ALA A 333 -1.64 7.87 -28.40
N LEU A 334 -1.28 9.16 -28.51
CA LEU A 334 -2.14 10.08 -29.23
C LEU A 334 -2.22 9.72 -30.71
N ALA A 335 -1.08 9.37 -31.33
CA ALA A 335 -1.10 8.98 -32.73
C ALA A 335 -1.94 7.71 -32.93
N GLU A 336 -1.84 6.75 -32.02
CA GLU A 336 -2.63 5.53 -32.13
C GLU A 336 -4.12 5.82 -32.08
N HIS A 337 -4.55 6.68 -31.14
CA HIS A 337 -5.96 6.98 -31.02
C HIS A 337 -6.48 7.74 -32.23
N LEU A 338 -5.74 8.76 -32.67
CA LEU A 338 -6.18 9.54 -33.83
C LEU A 338 -6.27 8.68 -35.08
N GLN A 339 -5.38 7.69 -35.21
CA GLN A 339 -5.34 6.91 -36.44
C GLN A 339 -6.56 6.01 -36.58
N SER A 340 -7.04 5.45 -35.47
CA SER A 340 -8.04 4.38 -35.50
C SER A 340 -9.40 4.77 -34.95
N ALA A 341 -9.59 6.02 -34.53
CA ALA A 341 -10.86 6.37 -33.91
C ALA A 341 -11.92 6.67 -34.97
N ALA A 342 -13.18 6.61 -34.52
CA ALA A 342 -14.32 6.93 -35.39
C ALA A 342 -14.29 8.40 -35.83
N ASP A 343 -13.73 9.28 -35.00
CA ASP A 343 -13.63 10.70 -35.30
C ASP A 343 -12.68 11.32 -34.28
N ASN A 344 -12.26 12.56 -34.55
CA ASN A 344 -11.27 13.20 -33.70
C ASN A 344 -11.78 13.37 -32.28
N ALA A 345 -13.06 13.69 -32.12
CA ALA A 345 -13.61 13.88 -30.78
C ALA A 345 -13.50 12.60 -29.96
N SER A 346 -13.85 11.45 -30.55
CA SER A 346 -13.69 10.18 -29.85
C SER A 346 -12.23 9.90 -29.56
N ALA A 347 -11.34 10.21 -30.50
CA ALA A 347 -9.92 9.96 -30.29
C ALA A 347 -9.38 10.74 -29.10
N LEU A 348 -9.74 12.02 -29.00
CA LEU A 348 -9.17 12.86 -27.95
C LEU A 348 -9.73 12.49 -26.58
N ALA A 349 -11.00 12.10 -26.51
CA ALA A 349 -11.56 11.64 -25.25
C ALA A 349 -10.94 10.32 -24.81
N ALA A 350 -10.74 9.40 -25.76
CA ALA A 350 -10.14 8.12 -25.43
C ALA A 350 -8.67 8.28 -25.05
N PHE A 351 -7.95 9.16 -25.75
CA PHE A 351 -6.55 9.42 -25.39
C PHE A 351 -6.44 10.00 -23.99
N THR A 352 -7.28 11.00 -23.68
CA THR A 352 -7.27 11.59 -22.34
C THR A 352 -7.63 10.54 -21.29
N ALA A 353 -8.68 9.75 -21.54
CA ALA A 353 -9.09 8.75 -20.57
C ALA A 353 -8.00 7.71 -20.34
N GLN A 354 -7.22 7.38 -21.38
CA GLN A 354 -6.13 6.43 -21.21
C GLN A 354 -4.97 7.06 -20.45
N ARG A 355 -4.55 8.26 -20.85
CA ARG A 355 -3.28 8.82 -20.39
C ARG A 355 -3.39 9.67 -19.14
N GLN A 356 -4.57 10.25 -18.85
CA GLN A 356 -4.68 11.15 -17.70
C GLN A 356 -4.41 10.46 -16.36
N PRO A 357 -4.94 9.25 -16.08
CA PRO A 357 -4.56 8.59 -14.82
C PRO A 357 -3.09 8.23 -14.76
N ASP A 358 -2.49 7.85 -15.89
CA ASP A 358 -1.06 7.52 -15.88
C ASP A 358 -0.21 8.77 -15.67
N ALA A 359 -0.62 9.90 -16.26
CA ALA A 359 0.12 11.14 -16.06
C ALA A 359 0.08 11.56 -14.59
N LEU A 360 -1.10 11.45 -13.96
CA LEU A 360 -1.19 11.73 -12.53
C LEU A 360 -0.26 10.82 -11.74
N ALA A 361 -0.16 9.55 -12.16
CA ALA A 361 0.68 8.60 -11.44
C ALA A 361 2.15 9.01 -11.47
N ILE A 362 2.68 9.30 -12.66
CA ILE A 362 4.08 9.67 -12.77
C ILE A 362 4.32 11.03 -12.13
N GLN A 363 3.31 11.91 -12.13
CA GLN A 363 3.44 13.18 -11.41
C GLN A 363 3.62 12.94 -9.92
N ALA A 364 2.86 12.00 -9.35
CA ALA A 364 2.97 11.71 -7.93
C ALA A 364 4.25 10.93 -7.62
N MET A 365 4.61 9.97 -8.49
CA MET A 365 5.81 9.18 -8.26
C MET A 365 7.08 10.00 -8.42
N ALA A 366 7.08 10.97 -9.33
CA ALA A 366 8.24 11.85 -9.48
C ALA A 366 8.45 12.69 -8.22
N LEU A 367 7.36 13.21 -7.65
CA LEU A 367 7.47 13.96 -6.40
C LEU A 367 7.97 13.08 -5.26
N GLU A 368 7.41 11.88 -5.12
CA GLU A 368 7.84 10.97 -4.07
C GLU A 368 9.29 10.56 -4.26
N ASN A 369 9.74 10.42 -5.50
CA ASN A 369 11.09 9.92 -5.76
C ASN A 369 12.18 10.87 -5.31
N TYR A 370 11.85 12.11 -4.96
CA TYR A 370 12.88 13.02 -4.45
C TYR A 370 13.45 12.50 -3.13
N VAL A 371 12.57 12.18 -2.17
CA VAL A 371 13.03 11.67 -0.89
C VAL A 371 13.73 10.33 -1.07
N GLU A 372 13.39 9.60 -2.14
CA GLU A 372 14.06 8.33 -2.43
C GLU A 372 15.51 8.53 -2.81
N MET A 373 15.84 9.64 -3.49
CA MET A 373 17.21 9.82 -3.95
C MET A 373 18.09 10.42 -2.85
N SER A 374 17.63 11.49 -2.20
CA SER A 374 18.46 12.22 -1.25
C SER A 374 18.23 11.86 0.21
N SER A 375 16.99 11.54 0.60
CA SER A 375 16.67 11.25 2.00
C SER A 375 16.79 9.78 2.36
N LYS A 376 16.18 8.90 1.57
CA LYS A 376 16.01 7.49 1.92
C LYS A 376 17.20 6.63 1.50
N VAL A 377 18.39 7.04 1.93
CA VAL A 377 19.58 6.24 1.64
C VAL A 377 20.41 6.01 2.89
N ALA A 378 20.08 6.71 3.98
CA ALA A 378 20.84 6.58 5.22
C ALA A 378 20.01 6.06 6.38
N SER A 379 18.74 5.71 6.17
CA SER A 379 17.93 5.16 7.25
C SER A 379 18.06 3.65 7.30
N PRO A 380 18.30 3.05 8.47
CA PRO A 380 18.41 1.59 8.56
C PRO A 380 17.22 0.84 7.98
N THR A 381 16.00 1.35 8.22
CA THR A 381 14.81 0.66 7.74
C THR A 381 14.79 0.57 6.22
N TYR A 382 15.30 1.60 5.53
CA TYR A 382 15.29 1.59 4.07
C TYR A 382 16.16 0.48 3.49
N LEU A 383 17.36 0.30 4.03
CA LEU A 383 18.27 -0.73 3.50
C LEU A 383 17.72 -2.13 3.72
N LEU A 384 17.13 -2.39 4.89
CA LEU A 384 16.55 -3.70 5.13
C LEU A 384 15.35 -3.95 4.24
N GLU A 385 14.57 -2.90 3.96
CA GLU A 385 13.44 -3.01 3.03
C GLU A 385 13.93 -3.28 1.62
N ARG A 386 14.98 -2.59 1.19
CA ARG A 386 15.52 -2.82 -0.15
C ARG A 386 16.18 -4.19 -0.24
N GLU A 387 16.88 -4.61 0.82
CA GLU A 387 17.41 -5.96 0.87
C GLU A 387 16.29 -7.00 0.82
N LEU A 388 15.20 -6.75 1.54
CA LEU A 388 14.05 -7.64 1.46
C LEU A 388 13.31 -7.48 0.14
N GLY A 389 13.30 -6.27 -0.42
CA GLY A 389 12.66 -6.08 -1.72
C GLY A 389 13.38 -6.82 -2.84
N GLN A 390 14.71 -6.87 -2.78
CA GLN A 390 15.46 -7.64 -3.79
C GLN A 390 15.24 -9.14 -3.61
N ILE A 391 15.18 -9.61 -2.36
CA ILE A 391 14.91 -11.03 -2.11
C ILE A 391 13.53 -11.42 -2.65
N MET A 392 12.54 -10.54 -2.47
CA MET A 392 11.21 -10.83 -2.99
C MET A 392 11.16 -10.71 -4.51
N ALA A 393 12.04 -9.87 -5.09
CA ALA A 393 12.09 -9.78 -6.55
C ALA A 393 12.67 -11.04 -7.18
N GLN A 394 13.50 -11.78 -6.43
CA GLN A 394 13.99 -13.06 -6.93
C GLN A 394 12.98 -14.18 -6.69
N ARG A 395 12.32 -14.17 -5.53
CA ARG A 395 11.37 -15.23 -5.20
C ARG A 395 10.14 -15.17 -6.09
N GLN A 396 9.61 -13.98 -6.34
CA GLN A 396 8.43 -13.79 -7.19
C GLN A 396 8.75 -12.72 -8.22
N PRO A 397 9.49 -13.07 -9.28
CA PRO A 397 9.91 -12.06 -10.25
C PRO A 397 8.80 -11.51 -11.12
N THR A 398 7.69 -12.24 -11.31
CA THR A 398 6.55 -11.73 -12.05
C THR A 398 5.54 -11.02 -11.16
N ARG A 399 5.76 -11.01 -9.85
CA ARG A 399 4.85 -10.37 -8.91
C ARG A 399 5.48 -9.19 -8.20
N PHE A 400 6.68 -9.35 -7.65
CA PHE A 400 7.39 -8.27 -6.97
C PHE A 400 8.46 -7.71 -7.91
N ILE A 401 8.13 -6.59 -8.55
CA ILE A 401 9.07 -5.84 -9.36
C ILE A 401 9.20 -4.47 -8.70
N PRO A 402 10.39 -4.09 -8.22
CA PRO A 402 10.52 -2.78 -7.57
C PRO A 402 10.01 -1.65 -8.44
N ARG A 403 9.40 -0.65 -7.79
CA ARG A 403 8.69 0.40 -8.52
C ARG A 403 9.60 1.13 -9.49
N TYR A 404 10.86 1.35 -9.11
CA TYR A 404 11.78 2.03 -10.02
C TYR A 404 11.95 1.24 -11.32
N SER A 405 12.02 -0.09 -11.23
CA SER A 405 12.16 -0.91 -12.43
C SER A 405 10.89 -0.91 -13.27
N MET A 406 9.72 -0.88 -12.63
CA MET A 406 8.47 -0.83 -13.38
C MET A 406 8.34 0.48 -14.16
N VAL A 407 8.69 1.59 -13.53
CA VAL A 407 8.60 2.88 -14.21
C VAL A 407 9.65 3.00 -15.30
N THR A 408 10.88 2.57 -15.01
CA THR A 408 12.02 2.84 -15.88
C THR A 408 12.22 1.78 -16.96
N PHE A 409 12.07 0.49 -16.63
CA PHE A 409 12.48 -0.58 -17.53
C PHE A 409 11.30 -1.38 -18.10
N SER A 410 10.07 -0.94 -17.89
CA SER A 410 8.91 -1.60 -18.46
C SER A 410 7.96 -0.56 -19.03
N ARG A 411 6.96 -1.02 -19.76
CA ARG A 411 5.93 -0.15 -20.32
C ARG A 411 4.58 -0.34 -19.64
N LEU A 412 4.58 -0.94 -18.45
CA LEU A 412 3.37 -1.04 -17.66
C LEU A 412 2.81 0.36 -17.43
N PRO A 413 1.49 0.55 -17.58
CA PRO A 413 0.91 1.88 -17.36
C PRO A 413 1.32 2.44 -16.01
N TYR A 414 1.66 3.75 -16.01
CA TYR A 414 2.10 4.42 -14.78
C TYR A 414 1.15 4.14 -13.62
N ALA A 415 -0.16 4.09 -13.89
CA ALA A 415 -1.14 3.88 -12.83
C ALA A 415 -0.98 2.51 -12.18
N GLN A 416 -0.71 1.47 -12.97
CA GLN A 416 -0.49 0.14 -12.39
C GLN A 416 0.84 0.09 -11.64
N ALA A 417 1.87 0.73 -12.18
CA ALA A 417 3.16 0.76 -11.50
C ALA A 417 3.05 1.39 -10.12
N MET A 418 2.34 2.51 -10.02
CA MET A 418 2.14 3.14 -8.71
C MET A 418 1.24 2.28 -7.83
N ALA A 419 0.19 1.70 -8.41
CA ALA A 419 -0.74 0.88 -7.63
C ALA A 419 -0.03 -0.36 -7.07
N ARG A 420 0.73 -1.06 -7.91
CA ARG A 420 1.48 -2.21 -7.44
CA ARG A 420 1.49 -2.20 -7.45
C ARG A 420 2.61 -1.79 -6.49
N GLY A 421 3.19 -0.61 -6.71
CA GLY A 421 4.25 -0.15 -5.83
C GLY A 421 3.77 0.14 -4.42
N GLN A 422 2.56 0.68 -4.29
CA GLN A 422 2.01 0.93 -2.96
C GLN A 422 1.79 -0.36 -2.20
N ILE A 423 1.23 -1.37 -2.87
CA ILE A 423 1.09 -2.70 -2.27
C ILE A 423 2.45 -3.22 -1.82
N GLN A 424 3.46 -3.09 -2.69
CA GLN A 424 4.79 -3.60 -2.36
C GLN A 424 5.43 -2.81 -1.22
N GLU A 425 5.25 -1.49 -1.20
CA GLU A 425 5.87 -0.68 -0.16
C GLU A 425 5.27 -0.98 1.21
N GLN A 426 3.94 -1.04 1.29
CA GLN A 426 3.30 -1.39 2.56
C GLN A 426 3.70 -2.79 3.01
N LEU A 427 3.79 -3.74 2.08
CA LEU A 427 4.20 -5.10 2.43
C LEU A 427 5.59 -5.12 3.05
N LEU A 428 6.57 -4.47 2.39
CA LEU A 428 7.91 -4.40 2.96
C LEU A 428 7.91 -3.64 4.29
N LYS A 429 7.10 -2.57 4.37
CA LYS A 429 7.08 -1.75 5.57
C LYS A 429 6.60 -2.55 6.77
N PHE A 430 5.49 -3.29 6.61
CA PHE A 430 4.98 -4.10 7.71
C PHE A 430 5.94 -5.24 8.04
N ALA A 431 6.51 -5.87 7.02
CA ALA A 431 7.34 -7.06 7.24
C ALA A 431 8.61 -6.74 8.03
N VAL A 432 9.23 -5.59 7.78
CA VAL A 432 10.47 -5.25 8.46
C VAL A 432 10.26 -4.49 9.76
N ALA A 433 9.03 -4.04 10.03
CA ALA A 433 8.75 -3.28 11.24
C ALA A 433 9.08 -4.09 12.48
N ASN A 434 9.73 -3.43 13.44
CA ASN A 434 10.15 -4.04 14.72
C ASN A 434 11.09 -5.22 14.50
N HIS A 435 11.86 -5.18 13.42
CA HIS A 435 12.89 -6.16 13.13
C HIS A 435 14.15 -5.43 12.68
N SER A 436 15.30 -5.83 13.21
CA SER A 436 16.55 -5.15 12.95
C SER A 436 17.43 -5.87 11.93
N ASP A 437 17.30 -7.18 11.80
CA ASP A 437 18.10 -7.95 10.85
C ASP A 437 17.18 -8.78 9.95
N LEU A 438 17.71 -9.14 8.78
CA LEU A 438 17.00 -10.05 7.90
C LEU A 438 16.80 -11.41 8.54
N THR A 439 17.64 -11.75 9.53
CA THR A 439 17.52 -13.05 10.19
C THR A 439 16.28 -13.14 11.05
N SER A 440 15.82 -12.02 11.61
CA SER A 440 14.63 -11.99 12.44
C SER A 440 13.35 -11.80 11.63
N ILE A 441 13.43 -11.86 10.30
CA ILE A 441 12.29 -11.72 9.42
C ILE A 441 12.02 -13.07 8.77
N ASN A 442 10.74 -13.46 8.73
CA ASN A 442 10.33 -14.71 8.11
C ASN A 442 10.15 -14.48 6.62
N LEU A 443 10.98 -15.13 5.80
CA LEU A 443 10.99 -14.85 4.37
C LEU A 443 9.82 -15.49 3.64
N ASP A 444 9.32 -16.63 4.11
CA ASP A 444 8.14 -17.23 3.49
C ASP A 444 6.85 -16.51 3.83
N ALA A 445 6.80 -15.81 4.97
CA ALA A 445 5.61 -15.05 5.31
C ALA A 445 5.46 -13.84 4.39
N VAL A 446 6.58 -13.19 4.07
CA VAL A 446 6.54 -12.09 3.11
C VAL A 446 6.22 -12.61 1.71
N GLU A 447 6.80 -13.75 1.34
CA GLU A 447 6.56 -14.32 0.02
C GLU A 447 5.11 -14.76 -0.15
N HIS A 448 4.45 -15.18 0.94
CA HIS A 448 3.05 -15.58 0.84
C HIS A 448 2.17 -14.36 0.60
N GLU A 449 2.49 -13.23 1.26
CA GLU A 449 1.75 -11.99 1.04
C GLU A 449 1.92 -11.47 -0.38
N VAL A 450 3.09 -11.71 -0.99
CA VAL A 450 3.28 -11.32 -2.38
C VAL A 450 2.29 -12.04 -3.28
N THR A 451 2.05 -13.32 -3.01
CA THR A 451 1.13 -14.09 -3.84
C THR A 451 -0.33 -13.73 -3.58
N ARG A 452 -0.66 -13.26 -2.37
CA ARG A 452 -2.05 -12.93 -2.06
C ARG A 452 -2.45 -11.56 -2.58
N CYS A 453 -1.54 -10.59 -2.53
CA CYS A 453 -1.88 -9.21 -2.83
C CYS A 453 -1.36 -8.74 -4.20
N LEU A 454 -0.39 -9.44 -4.79
CA LEU A 454 0.22 -9.01 -6.05
C LEU A 454 -0.03 -10.05 -7.13
N PRO A 455 -0.97 -9.80 -8.06
CA PRO A 455 -1.17 -10.76 -9.15
C PRO A 455 0.03 -10.77 -10.08
N PRO A 456 0.33 -11.91 -10.69
CA PRO A 456 1.51 -11.99 -11.56
C PRO A 456 1.29 -11.29 -12.89
N LEU A 457 2.40 -10.87 -13.49
CA LEU A 457 2.36 -10.17 -14.77
C LEU A 457 3.06 -10.96 -15.86
N ALA B 7 -1.37 8.38 42.57
CA ALA B 7 -1.82 7.31 41.70
C ALA B 7 -1.86 7.77 40.25
N ARG B 8 -1.32 6.95 39.35
CA ARG B 8 -1.37 7.27 37.93
CA ARG B 8 -1.37 7.26 37.93
C ARG B 8 -2.80 7.15 37.42
N GLN B 9 -3.14 8.01 36.47
CA GLN B 9 -4.51 8.10 35.96
C GLN B 9 -4.60 7.62 34.53
N VAL B 10 -5.73 7.00 34.18
CA VAL B 10 -5.91 6.52 32.82
C VAL B 10 -7.39 6.60 32.46
N THR B 11 -7.66 6.94 31.19
CA THR B 11 -9.01 6.97 30.63
C THR B 11 -9.07 5.93 29.52
N ILE B 12 -10.05 5.03 29.61
CA ILE B 12 -10.21 3.95 28.63
C ILE B 12 -11.54 4.17 27.91
N ILE B 13 -11.51 4.13 26.58
CA ILE B 13 -12.70 4.23 25.76
C ILE B 13 -13.05 2.82 25.30
N GLY B 14 -14.24 2.35 25.67
CA GLY B 14 -14.73 1.04 25.25
C GLY B 14 -14.71 0.04 26.39
N ALA B 15 -15.88 -0.25 26.95
CA ALA B 15 -15.98 -1.30 27.97
C ALA B 15 -16.34 -2.64 27.32
N GLY B 16 -15.57 -3.02 26.31
CA GLY B 16 -15.65 -4.33 25.71
C GLY B 16 -14.70 -5.31 26.38
N LEU B 17 -14.16 -6.23 25.59
CA LEU B 17 -13.35 -7.29 26.17
C LEU B 17 -11.98 -6.79 26.60
N ALA B 18 -11.26 -6.11 25.70
CA ALA B 18 -9.93 -5.62 26.06
C ALA B 18 -10.00 -4.46 27.06
N GLY B 19 -10.97 -3.56 26.89
CA GLY B 19 -11.05 -2.39 27.74
C GLY B 19 -11.36 -2.72 29.20
N THR B 20 -12.32 -3.63 29.42
N THR B 20 -12.30 -3.64 29.42
CA THR B 20 -12.66 -3.99 30.80
CA THR B 20 -12.67 -3.97 30.79
C THR B 20 -11.54 -4.77 31.46
C THR B 20 -11.60 -4.83 31.47
N LEU B 21 -10.88 -5.64 30.70
CA LEU B 21 -9.78 -6.42 31.28
C LEU B 21 -8.62 -5.51 31.68
N VAL B 22 -8.24 -4.58 30.80
CA VAL B 22 -7.12 -3.71 31.15
C VAL B 22 -7.53 -2.77 32.27
N ALA B 23 -8.80 -2.36 32.34
CA ALA B 23 -9.29 -1.56 33.45
C ALA B 23 -9.09 -2.29 34.78
N ARG B 24 -9.44 -3.59 34.84
CA ARG B 24 -9.26 -4.37 36.05
C ARG B 24 -7.79 -4.49 36.43
N LEU B 25 -6.93 -4.80 35.46
CA LEU B 25 -5.51 -5.01 35.75
C LEU B 25 -4.85 -3.73 36.27
N LEU B 26 -5.20 -2.58 35.68
CA LEU B 26 -4.62 -1.32 36.14
C LEU B 26 -5.21 -0.89 37.48
N ALA B 27 -6.53 -1.02 37.65
CA ALA B 27 -7.17 -0.56 38.89
C ALA B 27 -6.67 -1.34 40.10
N ARG B 28 -6.48 -2.66 39.94
CA ARG B 28 -5.99 -3.43 41.07
C ARG B 28 -4.53 -3.13 41.37
N ASN B 29 -3.80 -2.56 40.41
CA ASN B 29 -2.45 -2.08 40.63
C ASN B 29 -2.41 -0.65 41.16
N GLY B 30 -3.56 -0.09 41.53
CA GLY B 30 -3.60 1.21 42.15
C GLY B 30 -3.86 2.37 41.23
N TRP B 31 -4.00 2.14 39.92
CA TRP B 31 -4.29 3.22 38.99
C TRP B 31 -5.70 3.76 39.23
N GLN B 32 -5.87 5.06 38.95
CA GLN B 32 -7.20 5.66 38.93
C GLN B 32 -7.73 5.49 37.51
N VAL B 33 -8.77 4.66 37.37
CA VAL B 33 -9.23 4.21 36.06
C VAL B 33 -10.66 4.72 35.85
N ASN B 34 -10.86 5.46 34.76
CA ASN B 34 -12.18 5.83 34.29
C ASN B 34 -12.41 5.22 32.91
N LEU B 35 -13.54 4.54 32.76
CA LEU B 35 -13.85 3.79 31.55
C LEU B 35 -15.18 4.30 31.01
N PHE B 36 -15.20 4.69 29.73
CA PHE B 36 -16.38 5.27 29.09
C PHE B 36 -16.87 4.34 28.00
N GLU B 37 -18.18 4.05 28.02
CA GLU B 37 -18.79 3.08 27.12
C GLU B 37 -20.02 3.70 26.45
N ARG B 38 -20.11 3.55 25.14
CA ARG B 38 -21.21 4.16 24.38
CA ARG B 38 -21.20 4.15 24.37
C ARG B 38 -22.54 3.46 24.67
N ARG B 39 -22.52 2.14 24.87
CA ARG B 39 -23.75 1.38 25.05
C ARG B 39 -24.26 1.49 26.49
N PRO B 40 -25.52 1.11 26.74
CA PRO B 40 -25.99 1.03 28.12
C PRO B 40 -25.31 -0.12 28.87
N ASP B 41 -25.41 -0.07 30.19
CA ASP B 41 -24.86 -1.13 31.02
C ASP B 41 -25.70 -2.39 30.86
N PRO B 42 -25.15 -3.47 30.30
CA PRO B 42 -25.96 -4.67 30.08
C PRO B 42 -26.34 -5.39 31.36
N ARG B 43 -25.70 -5.07 32.49
CA ARG B 43 -26.08 -5.65 33.77
C ARG B 43 -27.36 -5.05 34.32
N ILE B 44 -27.84 -3.93 33.77
CA ILE B 44 -29.13 -3.39 34.16
C ILE B 44 -30.20 -4.13 33.36
N GLU B 45 -30.90 -5.01 34.04
CA GLU B 45 -31.90 -5.86 33.36
C GLU B 45 -33.09 -5.04 32.87
N THR B 46 -33.47 -5.27 31.62
CA THR B 46 -34.64 -4.63 31.04
C THR B 46 -35.59 -5.71 30.55
N GLY B 47 -36.68 -5.26 29.94
CA GLY B 47 -37.61 -6.16 29.29
C GLY B 47 -37.24 -6.48 27.87
N ALA B 48 -36.08 -6.02 27.40
CA ALA B 48 -35.66 -6.27 26.03
C ALA B 48 -35.31 -7.73 25.82
N ARG B 49 -35.40 -8.16 24.56
CA ARG B 49 -35.13 -9.53 24.17
C ARG B 49 -33.64 -9.66 23.88
N GLY B 50 -32.90 -10.19 24.85
CA GLY B 50 -31.47 -10.37 24.66
C GLY B 50 -31.17 -11.26 23.47
N ARG B 51 -30.05 -10.97 22.82
CA ARG B 51 -29.66 -11.64 21.58
C ARG B 51 -28.22 -12.07 21.76
N SER B 52 -27.98 -13.38 21.74
CA SER B 52 -26.72 -13.93 22.24
C SER B 52 -25.81 -14.30 21.09
N ILE B 53 -24.57 -13.81 21.16
CA ILE B 53 -23.46 -14.22 20.31
C ILE B 53 -22.50 -15.04 21.16
N ASN B 54 -22.08 -16.18 20.65
CA ASN B 54 -21.08 -17.00 21.33
C ASN B 54 -19.71 -16.81 20.70
N LEU B 55 -18.68 -16.91 21.54
CA LEU B 55 -17.29 -16.78 21.12
C LEU B 55 -16.51 -18.01 21.54
N ALA B 56 -15.52 -18.39 20.74
CA ALA B 56 -14.61 -19.47 21.06
C ALA B 56 -13.45 -18.89 21.87
N LEU B 57 -13.35 -19.30 23.13
CA LEU B 57 -12.29 -18.87 24.04
C LEU B 57 -11.23 -19.96 24.07
N ALA B 58 -9.99 -19.60 23.74
CA ALA B 58 -8.90 -20.56 23.68
C ALA B 58 -7.91 -20.28 24.81
N GLU B 59 -6.78 -21.00 24.78
CA GLU B 59 -5.84 -20.94 25.89
C GLU B 59 -5.29 -19.53 26.09
N ARG B 60 -5.00 -18.82 25.00
CA ARG B 60 -4.51 -17.44 25.10
C ARG B 60 -5.46 -16.57 25.92
N GLY B 61 -6.76 -16.61 25.58
CA GLY B 61 -7.72 -15.80 26.30
C GLY B 61 -7.95 -16.30 27.71
N ALA B 62 -7.99 -17.63 27.87
CA ALA B 62 -8.22 -18.19 29.19
C ALA B 62 -7.09 -17.84 30.15
N HIS B 63 -5.85 -17.89 29.66
CA HIS B 63 -4.71 -17.53 30.50
C HIS B 63 -4.76 -16.06 30.90
N ALA B 64 -5.18 -15.19 29.98
CA ALA B 64 -5.35 -13.78 30.31
C ALA B 64 -6.37 -13.62 31.44
N LEU B 65 -7.49 -14.32 31.33
CA LEU B 65 -8.49 -14.32 32.40
C LEU B 65 -7.93 -14.92 33.68
N ARG B 66 -7.11 -15.96 33.55
CA ARG B 66 -6.47 -16.55 34.71
C ARG B 66 -5.63 -15.53 35.46
N LEU B 67 -4.78 -14.79 34.73
CA LEU B 67 -3.96 -13.77 35.37
C LEU B 67 -4.80 -12.73 36.07
N ALA B 68 -6.00 -12.45 35.54
CA ALA B 68 -6.89 -11.44 36.12
C ALA B 68 -7.71 -11.98 37.27
N GLY B 69 -7.62 -13.27 37.57
CA GLY B 69 -8.44 -13.86 38.61
C GLY B 69 -9.88 -14.12 38.21
N LEU B 70 -10.19 -14.16 36.91
CA LEU B 70 -11.56 -14.32 36.45
C LEU B 70 -11.81 -15.60 35.66
N GLU B 71 -10.82 -16.48 35.52
CA GLU B 71 -10.99 -17.64 34.64
C GLU B 71 -12.06 -18.58 35.17
N ARG B 72 -12.04 -18.86 36.48
CA ARG B 72 -12.98 -19.81 37.05
C ARG B 72 -14.41 -19.34 36.82
N GLU B 73 -14.66 -18.06 37.02
CA GLU B 73 -16.01 -17.52 36.87
C GLU B 73 -16.48 -17.62 35.43
N VAL B 74 -15.59 -17.34 34.47
CA VAL B 74 -15.96 -17.39 33.06
C VAL B 74 -16.21 -18.82 32.61
N LEU B 75 -15.29 -19.74 32.96
CA LEU B 75 -15.43 -21.12 32.52
C LEU B 75 -16.65 -21.79 33.14
N ALA B 76 -17.07 -21.35 34.33
CA ALA B 76 -18.27 -21.88 34.94
C ALA B 76 -19.50 -21.69 34.04
N GLU B 77 -19.45 -20.70 33.15
CA GLU B 77 -20.56 -20.40 32.25
C GLU B 77 -20.24 -20.72 30.80
N ALA B 78 -19.23 -21.55 30.55
CA ALA B 78 -18.78 -21.85 29.19
C ALA B 78 -19.02 -23.32 28.86
N VAL B 79 -19.34 -23.59 27.59
CA VAL B 79 -19.54 -24.95 27.11
C VAL B 79 -18.26 -25.48 26.50
N MET B 80 -17.84 -26.66 26.94
CA MET B 80 -16.63 -27.26 26.41
C MET B 80 -16.85 -27.77 24.99
N MET B 81 -15.94 -27.43 24.09
CA MET B 81 -15.98 -27.94 22.72
C MET B 81 -14.77 -28.85 22.55
N ARG B 82 -15.01 -30.16 22.54
CA ARG B 82 -13.93 -31.13 22.51
C ARG B 82 -13.35 -31.32 21.11
N GLY B 83 -14.07 -30.90 20.09
CA GLY B 83 -13.62 -31.15 18.72
C GLY B 83 -14.49 -30.40 17.74
N ARG B 84 -14.17 -30.59 16.47
CA ARG B 84 -14.91 -30.00 15.35
C ARG B 84 -15.84 -31.04 14.74
N MET B 85 -17.09 -30.66 14.50
CA MET B 85 -18.08 -31.52 13.85
C MET B 85 -18.33 -31.00 12.44
N VAL B 86 -17.86 -31.72 11.42
CA VAL B 86 -17.97 -31.29 10.03
C VAL B 86 -19.22 -31.92 9.42
N HIS B 87 -20.12 -31.09 8.91
CA HIS B 87 -21.38 -31.53 8.30
C HIS B 87 -21.31 -31.41 6.78
N VAL B 88 -21.34 -32.55 6.11
CA VAL B 88 -21.44 -32.62 4.65
C VAL B 88 -22.71 -33.40 4.32
N PRO B 89 -23.58 -32.89 3.45
CA PRO B 89 -24.86 -33.58 3.19
C PRO B 89 -24.64 -35.02 2.77
N GLY B 90 -25.47 -35.91 3.33
CA GLY B 90 -25.39 -37.32 3.00
C GLY B 90 -24.56 -38.14 3.95
N THR B 91 -23.60 -37.53 4.65
CA THR B 91 -22.66 -38.23 5.49
C THR B 91 -22.95 -37.96 6.96
N PRO B 92 -22.79 -38.94 7.83
CA PRO B 92 -22.94 -38.67 9.26
C PRO B 92 -21.93 -37.65 9.73
N PRO B 93 -22.28 -36.85 10.73
CA PRO B 93 -21.32 -35.87 11.25
C PRO B 93 -20.07 -36.54 11.77
N ASN B 94 -18.92 -36.01 11.38
CA ASN B 94 -17.62 -36.59 11.71
C ASN B 94 -16.95 -35.66 12.73
N LEU B 95 -16.70 -36.19 13.92
CA LEU B 95 -16.09 -35.42 15.00
C LEU B 95 -14.57 -35.54 14.90
N GLN B 96 -13.91 -34.40 14.74
CA GLN B 96 -12.46 -34.36 14.73
C GLN B 96 -12.00 -33.80 16.06
N PRO B 97 -11.51 -34.64 16.98
CA PRO B 97 -11.10 -34.14 18.30
C PRO B 97 -9.99 -33.10 18.18
N TYR B 98 -10.04 -32.12 19.09
CA TYR B 98 -9.02 -31.10 19.12
C TYR B 98 -7.71 -31.64 19.66
N GLY B 99 -7.77 -32.66 20.49
CA GLY B 99 -6.59 -33.32 21.00
C GLY B 99 -6.95 -34.72 21.46
N ARG B 100 -6.13 -35.23 22.39
CA ARG B 100 -6.34 -36.57 22.93
C ARG B 100 -7.18 -36.57 24.19
N ASP B 101 -7.11 -35.49 24.96
CA ASP B 101 -7.83 -35.39 26.22
CA ASP B 101 -7.78 -35.38 26.24
C ASP B 101 -8.55 -34.06 26.29
N ASP B 102 -9.47 -33.97 27.25
CA ASP B 102 -10.20 -32.72 27.47
C ASP B 102 -9.30 -31.59 27.95
N SER B 103 -7.98 -31.72 27.97
CA SER B 103 -7.15 -30.57 28.30
C SER B 103 -6.89 -29.71 27.08
N GLU B 104 -7.05 -30.23 25.88
CA GLU B 104 -6.98 -29.42 24.66
C GLU B 104 -8.41 -29.25 24.17
N VAL B 105 -9.07 -28.21 24.65
CA VAL B 105 -10.45 -27.91 24.27
C VAL B 105 -10.56 -26.42 24.03
N ILE B 106 -11.64 -26.05 23.37
CA ILE B 106 -12.02 -24.66 23.20
C ILE B 106 -13.32 -24.45 23.95
N TRP B 107 -13.50 -23.25 24.50
CA TRP B 107 -14.66 -22.96 25.32
C TRP B 107 -15.62 -22.04 24.55
N SER B 108 -16.89 -22.42 24.54
CA SER B 108 -17.92 -21.56 23.96
C SER B 108 -18.55 -20.73 25.08
N ILE B 109 -18.37 -19.41 25.00
CA ILE B 109 -18.81 -18.50 26.04
C ILE B 109 -19.74 -17.47 25.41
N ASN B 110 -20.88 -17.26 26.06
CA ASN B 110 -21.82 -16.22 25.66
C ASN B 110 -21.18 -14.85 25.86
N ARG B 111 -21.18 -14.02 24.81
CA ARG B 111 -20.49 -12.73 24.85
CA ARG B 111 -20.47 -12.75 24.88
C ARG B 111 -21.05 -11.84 25.95
N ASP B 112 -22.37 -11.85 26.13
CA ASP B 112 -22.97 -10.99 27.13
C ASP B 112 -22.61 -11.46 28.53
N ARG B 113 -22.69 -12.77 28.80
CA ARG B 113 -22.20 -13.31 30.06
C ARG B 113 -20.75 -12.91 30.32
N LEU B 114 -19.90 -13.01 29.30
CA LEU B 114 -18.49 -12.63 29.48
C LEU B 114 -18.36 -11.15 29.81
N ASN B 115 -19.08 -10.28 29.08
CA ASN B 115 -18.97 -8.86 29.35
CA ASN B 115 -19.03 -8.84 29.35
C ASN B 115 -19.39 -8.53 30.79
N ARG B 116 -20.46 -9.16 31.29
CA ARG B 116 -20.93 -8.87 32.64
CA ARG B 116 -20.92 -8.86 32.64
C ARG B 116 -19.90 -9.29 33.68
N ILE B 117 -19.28 -10.45 33.49
CA ILE B 117 -18.24 -10.89 34.41
C ILE B 117 -17.06 -9.92 34.40
N LEU B 118 -16.69 -9.44 33.22
CA LEU B 118 -15.56 -8.52 33.12
C LEU B 118 -15.92 -7.16 33.70
N LEU B 119 -17.14 -6.68 33.46
CA LEU B 119 -17.56 -5.39 34.02
C LEU B 119 -17.55 -5.44 35.55
N ASP B 120 -18.12 -6.50 36.12
CA ASP B 120 -18.09 -6.66 37.57
C ASP B 120 -16.65 -6.73 38.08
N GLY B 121 -15.78 -7.42 37.34
CA GLY B 121 -14.40 -7.54 37.78
C GLY B 121 -13.65 -6.23 37.73
N ALA B 122 -13.94 -5.39 36.75
CA ALA B 122 -13.27 -4.08 36.69
C ALA B 122 -13.71 -3.20 37.85
N GLU B 123 -15.02 -3.19 38.15
CA GLU B 123 -15.53 -2.40 39.27
C GLU B 123 -15.05 -2.93 40.61
N ALA B 124 -14.95 -4.26 40.77
CA ALA B 124 -14.47 -4.78 42.04
C ALA B 124 -13.03 -4.33 42.31
N ALA B 125 -12.23 -4.17 41.27
CA ALA B 125 -10.85 -3.72 41.41
C ALA B 125 -10.74 -2.22 41.60
N GLY B 126 -11.84 -1.48 41.45
CA GLY B 126 -11.86 -0.05 41.72
C GLY B 126 -12.07 0.85 40.51
N ALA B 127 -12.22 0.31 39.30
CA ALA B 127 -12.45 1.16 38.15
C ALA B 127 -13.84 1.76 38.17
N SER B 128 -13.97 2.98 37.63
CA SER B 128 -15.27 3.64 37.48
C SER B 128 -15.69 3.54 36.02
N ILE B 129 -16.90 3.03 35.78
CA ILE B 129 -17.41 2.80 34.44
C ILE B 129 -18.61 3.71 34.19
N HIS B 130 -18.55 4.45 33.09
CA HIS B 130 -19.58 5.42 32.73
C HIS B 130 -20.18 5.00 31.40
N PHE B 131 -21.45 4.60 31.43
CA PHE B 131 -22.12 4.11 30.23
C PHE B 131 -22.90 5.23 29.54
N ASN B 132 -23.41 4.91 28.35
CA ASN B 132 -24.21 5.83 27.55
C ASN B 132 -23.43 7.08 27.18
N LEU B 133 -22.12 6.95 27.01
CA LEU B 133 -21.25 8.06 26.65
C LEU B 133 -20.28 7.59 25.57
N GLY B 134 -20.45 8.11 24.36
CA GLY B 134 -19.57 7.77 23.25
C GLY B 134 -18.55 8.86 23.00
N LEU B 135 -17.31 8.46 22.77
CA LEU B 135 -16.25 9.42 22.44
C LEU B 135 -16.49 10.01 21.06
N ASP B 136 -16.51 11.34 20.97
CA ASP B 136 -16.67 12.04 19.70
C ASP B 136 -15.38 12.61 19.15
N SER B 137 -14.50 13.14 19.99
CA SER B 137 -13.29 13.77 19.50
C SER B 137 -12.29 13.91 20.64
N VAL B 138 -11.03 14.12 20.26
CA VAL B 138 -9.93 14.27 21.20
C VAL B 138 -9.12 15.51 20.80
N ASP B 139 -8.77 16.33 21.79
CA ASP B 139 -7.85 17.44 21.59
C ASP B 139 -6.55 17.05 22.29
N PHE B 140 -5.59 16.55 21.51
CA PHE B 140 -4.36 16.05 22.09
C PHE B 140 -3.49 17.16 22.67
N ALA B 141 -3.49 18.34 22.05
CA ALA B 141 -2.66 19.42 22.56
C ALA B 141 -3.16 19.94 23.90
N ARG B 142 -4.47 20.03 24.06
CA ARG B 142 -5.05 20.49 25.32
C ARG B 142 -5.38 19.34 26.27
N GLN B 143 -5.15 18.10 25.85
CA GLN B 143 -5.40 16.92 26.67
C GLN B 143 -6.84 16.87 27.18
N ARG B 144 -7.79 17.17 26.29
CA ARG B 144 -9.20 17.05 26.60
C ARG B 144 -9.88 16.22 25.52
N LEU B 145 -11.02 15.65 25.87
CA LEU B 145 -11.80 14.88 24.91
C LEU B 145 -13.26 15.25 25.10
N THR B 146 -14.07 14.90 24.10
CA THR B 146 -15.48 15.23 24.07
C THR B 146 -16.30 13.95 23.92
N LEU B 147 -17.26 13.76 24.81
CA LEU B 147 -18.15 12.62 24.85
C LEU B 147 -19.58 13.08 24.66
N SER B 148 -20.44 12.20 24.15
CA SER B 148 -21.86 12.52 24.10
C SER B 148 -22.71 11.26 24.21
N ASN B 149 -23.95 11.45 24.65
CA ASN B 149 -24.93 10.37 24.65
C ASN B 149 -25.60 10.29 23.27
N VAL B 150 -26.58 9.38 23.14
CA VAL B 150 -27.27 9.22 21.86
C VAL B 150 -28.09 10.46 21.52
N SER B 151 -28.51 11.24 22.52
CA SER B 151 -29.29 12.44 22.25
C SER B 151 -28.42 13.67 21.96
N GLY B 152 -27.09 13.52 21.94
CA GLY B 152 -26.22 14.60 21.51
C GLY B 152 -25.77 15.57 22.59
N GLU B 153 -26.16 15.37 23.84
CA GLU B 153 -25.64 16.19 24.92
C GLU B 153 -24.15 15.90 25.14
N ARG B 154 -23.34 16.96 25.15
CA ARG B 154 -21.90 16.81 25.14
C ARG B 154 -21.31 16.93 26.55
N LEU B 155 -20.18 16.27 26.75
CA LEU B 155 -19.44 16.34 28.01
C LEU B 155 -17.96 16.34 27.69
N GLU B 156 -17.24 17.32 28.24
CA GLU B 156 -15.80 17.45 28.06
C GLU B 156 -15.07 16.94 29.30
N LYS B 157 -13.97 16.23 29.08
CA LYS B 157 -13.15 15.71 30.16
C LYS B 157 -11.67 15.91 29.86
N ARG B 158 -10.90 16.19 30.89
CA ARG B 158 -9.45 16.11 30.83
C ARG B 158 -9.00 14.66 30.87
N PHE B 159 -7.92 14.36 30.15
CA PHE B 159 -7.31 13.04 30.24
C PHE B 159 -5.79 13.19 30.35
N HIS B 160 -5.16 12.18 30.94
CA HIS B 160 -3.72 12.07 31.02
C HIS B 160 -3.19 10.98 30.12
N LEU B 161 -3.79 9.80 30.18
CA LEU B 161 -3.47 8.69 29.30
C LEU B 161 -4.78 8.16 28.72
N LEU B 162 -4.83 8.02 27.41
CA LEU B 162 -6.05 7.59 26.72
C LEU B 162 -5.81 6.22 26.10
N ILE B 163 -6.64 5.25 26.46
CA ILE B 163 -6.55 3.91 25.90
C ILE B 163 -7.76 3.70 24.99
N GLY B 164 -7.49 3.49 23.70
CA GLY B 164 -8.55 3.17 22.76
C GLY B 164 -8.81 1.68 22.71
N ALA B 165 -9.83 1.24 23.45
CA ALA B 165 -10.33 -0.14 23.42
C ALA B 165 -11.73 -0.18 22.83
N ASP B 166 -11.97 0.65 21.82
CA ASP B 166 -13.31 0.94 21.35
C ASP B 166 -13.63 0.26 20.01
N GLY B 167 -13.01 -0.90 19.76
CA GLY B 167 -13.50 -1.78 18.71
C GLY B 167 -13.01 -1.46 17.31
N CYS B 168 -13.54 -2.25 16.36
CA CYS B 168 -13.04 -2.18 15.00
CA CYS B 168 -13.10 -2.20 14.97
C CYS B 168 -13.27 -0.82 14.35
N ASN B 169 -14.25 -0.05 14.81
CA ASN B 169 -14.51 1.28 14.28
C ASN B 169 -14.12 2.37 15.29
N SER B 170 -13.00 2.13 15.97
CA SER B 170 -12.48 2.97 17.04
C SER B 170 -12.52 4.46 16.71
N ALA B 171 -13.19 5.22 17.57
CA ALA B 171 -13.10 6.68 17.48
C ALA B 171 -11.75 7.19 17.99
N VAL B 172 -11.09 6.47 18.89
CA VAL B 172 -9.76 6.89 19.31
C VAL B 172 -8.77 6.78 18.16
N ARG B 173 -8.83 5.67 17.41
CA ARG B 173 -7.98 5.54 16.23
C ARG B 173 -8.23 6.70 15.27
N GLN B 174 -9.51 7.03 15.05
CA GLN B 174 -9.88 8.12 14.16
C GLN B 174 -9.28 9.45 14.62
N ALA B 175 -9.30 9.71 15.92
CA ALA B 175 -8.71 10.94 16.45
C ALA B 175 -7.18 10.93 16.29
N MET B 176 -6.54 9.79 16.53
CA MET B 176 -5.09 9.69 16.40
C MET B 176 -4.64 9.98 14.97
N ALA B 177 -5.40 9.52 13.97
CA ALA B 177 -5.06 9.73 12.57
C ALA B 177 -5.08 11.20 12.19
N SER B 178 -5.48 12.07 13.12
CA SER B 178 -5.46 13.51 12.91
C SER B 178 -4.14 14.16 13.31
N VAL B 179 -3.28 13.46 14.05
CA VAL B 179 -2.09 14.09 14.60
C VAL B 179 -0.85 13.25 14.27
N VAL B 180 -1.07 12.01 13.83
CA VAL B 180 0.01 11.13 13.37
C VAL B 180 -0.49 10.36 12.17
N ASP B 181 0.42 10.08 11.24
CA ASP B 181 0.12 9.17 10.14
C ASP B 181 0.17 7.75 10.68
N LEU B 182 -0.99 7.13 10.83
CA LEU B 182 -1.05 5.78 11.35
C LEU B 182 -0.59 4.75 10.34
N GLY B 183 -0.38 5.14 9.07
CA GLY B 183 0.03 4.20 8.04
C GLY B 183 -0.95 3.06 7.90
N GLU B 184 -2.21 3.39 7.63
CA GLU B 184 -3.27 2.39 7.63
C GLU B 184 -3.33 1.68 6.29
N HIS B 185 -3.58 0.37 6.34
CA HIS B 185 -3.79 -0.46 5.15
C HIS B 185 -5.06 -1.28 5.38
N LEU B 186 -6.14 -0.88 4.72
CA LEU B 186 -7.43 -1.57 4.81
C LEU B 186 -7.55 -2.61 3.71
N GLU B 187 -7.78 -3.85 4.10
CA GLU B 187 -8.03 -4.94 3.16
C GLU B 187 -9.47 -5.42 3.36
N THR B 188 -10.34 -5.02 2.45
CA THR B 188 -11.75 -5.40 2.54
C THR B 188 -11.94 -6.89 2.27
N GLN B 189 -12.94 -7.46 2.92
CA GLN B 189 -13.28 -8.86 2.79
C GLN B 189 -14.57 -9.00 2.01
N PRO B 190 -14.62 -9.86 0.99
CA PRO B 190 -15.86 -9.99 0.20
C PRO B 190 -16.99 -10.71 0.93
N HIS B 191 -16.73 -11.31 2.09
CA HIS B 191 -17.75 -12.04 2.83
C HIS B 191 -18.44 -11.12 3.84
N GLY B 192 -19.77 -11.19 3.86
CA GLY B 192 -20.54 -10.71 4.98
C GLY B 192 -20.95 -11.88 5.88
N TYR B 193 -21.60 -11.56 6.99
CA TYR B 193 -22.09 -12.62 7.85
C TYR B 193 -23.46 -12.28 8.40
N LYS B 194 -24.21 -13.33 8.73
CA LYS B 194 -25.53 -13.21 9.33
C LYS B 194 -25.64 -14.21 10.47
N GLU B 195 -26.13 -13.75 11.61
CA GLU B 195 -26.26 -14.60 12.78
C GLU B 195 -27.68 -15.16 12.87
N LEU B 196 -27.77 -16.48 13.07
CA LEU B 196 -29.02 -17.18 13.17
C LEU B 196 -29.03 -18.02 14.44
N GLN B 197 -30.16 -18.65 14.73
CA GLN B 197 -30.38 -19.27 16.03
C GLN B 197 -31.02 -20.65 15.87
N ILE B 198 -30.52 -21.60 16.65
CA ILE B 198 -31.14 -22.91 16.84
C ILE B 198 -31.63 -22.99 18.28
N THR B 199 -32.91 -23.31 18.46
CA THR B 199 -33.47 -23.38 19.80
C THR B 199 -32.98 -24.64 20.52
N PRO B 200 -33.12 -24.70 21.85
CA PRO B 200 -32.80 -25.95 22.56
C PRO B 200 -33.64 -27.13 22.10
N GLU B 201 -34.92 -26.91 21.83
CA GLU B 201 -35.78 -27.97 21.33
C GLU B 201 -35.28 -28.51 20.00
N ALA B 202 -34.94 -27.61 19.08
CA ALA B 202 -34.52 -28.05 17.75
C ALA B 202 -33.20 -28.81 17.81
N SER B 203 -32.22 -28.31 18.58
CA SER B 203 -30.92 -29.00 18.60
C SER B 203 -31.04 -30.38 19.22
N ALA B 204 -31.90 -30.53 20.24
CA ALA B 204 -32.12 -31.85 20.81
C ALA B 204 -32.86 -32.76 19.84
N GLN B 205 -33.85 -32.22 19.14
CA GLN B 205 -34.66 -33.02 18.23
C GLN B 205 -33.82 -33.61 17.11
N PHE B 206 -32.78 -32.91 16.67
CA PHE B 206 -31.92 -33.38 15.59
C PHE B 206 -30.58 -33.89 16.10
N ASN B 207 -30.44 -34.07 17.41
CA ASN B 207 -29.26 -34.69 18.02
C ASN B 207 -27.97 -33.93 17.69
N LEU B 208 -28.04 -32.61 17.67
CA LEU B 208 -26.84 -31.81 17.46
C LEU B 208 -25.97 -31.84 18.72
N GLU B 209 -24.73 -32.29 18.57
CA GLU B 209 -23.83 -32.52 19.71
C GLU B 209 -23.52 -31.20 20.42
N PRO B 210 -23.77 -31.10 21.73
CA PRO B 210 -23.51 -29.83 22.43
C PRO B 210 -22.03 -29.55 22.67
N ASN B 211 -21.20 -30.57 22.86
CA ASN B 211 -19.82 -30.29 23.27
C ASN B 211 -18.89 -30.31 22.07
N ALA B 212 -19.22 -29.55 21.03
CA ALA B 212 -18.43 -29.50 19.82
C ALA B 212 -18.71 -28.20 19.09
N LEU B 213 -17.77 -27.82 18.23
CA LEU B 213 -17.95 -26.72 17.30
C LEU B 213 -18.34 -27.32 15.95
N HIS B 214 -19.44 -26.84 15.38
CA HIS B 214 -20.03 -27.42 14.19
C HIS B 214 -19.73 -26.55 12.97
N ILE B 215 -19.36 -27.17 11.85
CA ILE B 215 -19.11 -26.48 10.59
C ILE B 215 -19.90 -27.15 9.47
N TRP B 216 -20.54 -26.33 8.62
CA TRP B 216 -21.13 -26.76 7.36
C TRP B 216 -20.31 -26.12 6.24
N PRO B 217 -19.21 -26.72 5.81
CA PRO B 217 -18.44 -26.13 4.70
C PRO B 217 -19.20 -26.21 3.38
N HIS B 218 -18.98 -25.21 2.53
CA HIS B 218 -19.59 -25.21 1.21
C HIS B 218 -18.84 -24.29 0.25
N GLY B 219 -17.51 -24.33 0.30
CA GLY B 219 -16.68 -23.62 -0.65
C GLY B 219 -16.60 -22.13 -0.40
N ASP B 220 -17.19 -21.32 -1.29
CA ASP B 220 -17.18 -19.87 -1.15
C ASP B 220 -18.06 -19.38 -0.01
N TYR B 221 -18.86 -20.24 0.60
CA TYR B 221 -19.66 -19.87 1.75
C TYR B 221 -19.71 -21.06 2.71
N MET B 222 -20.17 -20.80 3.93
CA MET B 222 -20.19 -21.82 4.98
C MET B 222 -20.99 -21.31 6.16
N CYS B 223 -21.40 -22.25 7.01
CA CYS B 223 -22.01 -21.96 8.30
C CYS B 223 -21.20 -22.59 9.42
N ILE B 224 -21.25 -21.98 10.59
CA ILE B 224 -20.68 -22.55 11.80
C ILE B 224 -21.66 -22.32 12.95
N ALA B 225 -21.64 -23.23 13.93
CA ALA B 225 -22.52 -23.12 15.07
C ALA B 225 -21.73 -23.35 16.34
N LEU B 226 -21.98 -22.50 17.34
CA LEU B 226 -21.38 -22.62 18.66
C LEU B 226 -22.46 -22.83 19.71
N PRO B 227 -22.22 -23.70 20.69
CA PRO B 227 -23.27 -24.06 21.66
C PRO B 227 -23.39 -23.09 22.82
N ASN B 228 -24.59 -23.08 23.40
CA ASN B 228 -24.89 -22.37 24.63
C ASN B 228 -25.23 -23.34 25.76
N LEU B 229 -25.17 -22.82 26.99
CA LEU B 229 -25.43 -23.64 28.18
C LEU B 229 -26.79 -24.30 28.14
N ASP B 230 -27.78 -23.64 27.54
CA ASP B 230 -29.15 -24.14 27.51
C ASP B 230 -29.43 -24.99 26.28
N ARG B 231 -28.40 -25.43 25.56
CA ARG B 231 -28.45 -26.28 24.37
C ARG B 231 -28.88 -25.53 23.12
N SER B 232 -29.16 -24.23 23.19
CA SER B 232 -29.31 -23.47 21.96
C SER B 232 -27.95 -23.30 21.29
N PHE B 233 -27.97 -23.00 20.00
CA PHE B 233 -26.75 -22.71 19.25
C PHE B 233 -26.90 -21.38 18.53
N THR B 234 -25.80 -20.65 18.42
CA THR B 234 -25.76 -19.48 17.56
C THR B 234 -25.06 -19.88 16.27
N VAL B 235 -25.74 -19.69 15.15
CA VAL B 235 -25.25 -20.06 13.82
C VAL B 235 -24.82 -18.80 13.10
N THR B 236 -23.66 -18.87 12.44
CA THR B 236 -23.16 -17.77 11.62
C THR B 236 -23.02 -18.25 10.18
N LEU B 237 -23.70 -17.58 9.27
CA LEU B 237 -23.52 -17.79 7.84
C LEU B 237 -22.49 -16.79 7.33
N PHE B 238 -21.49 -17.29 6.62
CA PHE B 238 -20.52 -16.46 5.91
C PHE B 238 -20.75 -16.60 4.41
N LEU B 239 -20.99 -15.48 3.75
CA LEU B 239 -21.43 -15.49 2.36
C LEU B 239 -21.06 -14.16 1.71
N HIS B 240 -20.70 -14.20 0.43
CA HIS B 240 -20.33 -12.99 -0.30
C HIS B 240 -21.44 -11.95 -0.25
N HIS B 241 -21.05 -10.69 -0.07
CA HIS B 241 -21.99 -9.58 -0.22
C HIS B 241 -22.61 -9.58 -1.61
N GLN B 242 -21.77 -9.58 -2.64
CA GLN B 242 -22.20 -9.45 -4.02
C GLN B 242 -21.74 -10.67 -4.82
N SER B 243 -22.50 -10.99 -5.84
CA SER B 243 -22.07 -12.00 -6.79
C SER B 243 -21.01 -11.40 -7.71
N PRO B 244 -19.86 -12.05 -7.87
CA PRO B 244 -18.83 -11.52 -8.76
C PRO B 244 -19.30 -11.45 -10.21
N ALA B 245 -18.63 -10.61 -10.99
CA ALA B 245 -18.98 -10.49 -12.40
C ALA B 245 -18.70 -11.78 -13.16
N ALA B 246 -17.66 -12.52 -12.77
CA ALA B 246 -17.34 -13.77 -13.45
C ALA B 246 -18.44 -14.81 -13.26
N GLN B 247 -19.01 -14.90 -12.06
CA GLN B 247 -20.07 -15.85 -11.75
C GLN B 247 -21.27 -15.07 -11.22
N PRO B 248 -22.06 -14.48 -12.11
CA PRO B 248 -23.16 -13.60 -11.65
C PRO B 248 -24.28 -14.35 -10.94
N ALA B 249 -24.40 -15.66 -11.13
CA ALA B 249 -25.43 -16.45 -10.46
C ALA B 249 -24.95 -17.11 -9.19
N SER B 250 -23.70 -16.88 -8.80
CA SER B 250 -23.17 -17.49 -7.58
C SER B 250 -23.90 -16.92 -6.37
N PRO B 251 -24.14 -17.74 -5.34
CA PRO B 251 -24.88 -17.24 -4.17
C PRO B 251 -24.19 -16.04 -3.54
N SER B 252 -25.01 -15.07 -3.14
CA SER B 252 -24.54 -13.91 -2.40
C SER B 252 -25.71 -13.34 -1.62
N PHE B 253 -25.41 -12.43 -0.70
CA PHE B 253 -26.47 -11.78 0.06
C PHE B 253 -27.39 -10.97 -0.84
N ALA B 254 -26.84 -10.36 -1.90
CA ALA B 254 -27.67 -9.56 -2.79
C ALA B 254 -28.74 -10.40 -3.47
N GLN B 255 -28.52 -11.71 -3.62
CA GLN B 255 -29.51 -12.59 -4.22
C GLN B 255 -30.55 -13.09 -3.24
N LEU B 256 -30.32 -12.91 -1.94
CA LEU B 256 -31.28 -13.34 -0.91
C LEU B 256 -32.13 -12.11 -0.56
N VAL B 257 -33.13 -11.85 -1.40
CA VAL B 257 -33.89 -10.62 -1.30
C VAL B 257 -34.75 -10.57 -0.03
N ASP B 258 -35.13 -11.71 0.50
CA ASP B 258 -35.95 -11.75 1.71
C ASP B 258 -35.69 -13.05 2.46
N GLY B 259 -36.41 -13.24 3.56
CA GLY B 259 -36.25 -14.47 4.33
C GLY B 259 -36.73 -15.70 3.59
N HIS B 260 -37.71 -15.54 2.69
CA HIS B 260 -38.15 -16.68 1.91
C HIS B 260 -37.06 -17.13 0.94
N ALA B 261 -36.35 -16.17 0.34
CA ALA B 261 -35.18 -16.51 -0.46
C ALA B 261 -34.13 -17.21 0.38
N ALA B 262 -33.86 -16.70 1.59
CA ALA B 262 -32.89 -17.34 2.47
C ALA B 262 -33.28 -18.78 2.78
N ARG B 263 -34.58 -19.02 3.04
CA ARG B 263 -35.04 -20.38 3.34
C ARG B 263 -34.78 -21.33 2.19
N ARG B 264 -35.15 -20.94 0.97
CA ARG B 264 -34.90 -21.79 -0.19
C ARG B 264 -33.41 -22.02 -0.39
N PHE B 265 -32.60 -21.00 -0.14
CA PHE B 265 -31.15 -21.15 -0.23
C PHE B 265 -30.65 -22.20 0.76
N PHE B 266 -31.11 -22.14 2.01
CA PHE B 266 -30.67 -23.10 3.01
C PHE B 266 -31.19 -24.50 2.73
N GLN B 267 -32.44 -24.61 2.26
CA GLN B 267 -32.97 -25.92 1.92
C GLN B 267 -32.16 -26.58 0.80
N ARG B 268 -31.62 -25.78 -0.12
CA ARG B 268 -30.83 -26.36 -1.20
C ARG B 268 -29.38 -26.61 -0.79
N GLN B 269 -28.74 -25.67 -0.11
CA GLN B 269 -27.30 -25.75 0.13
C GLN B 269 -26.95 -26.27 1.52
N PHE B 270 -27.84 -26.17 2.48
CA PHE B 270 -27.62 -26.69 3.83
C PHE B 270 -28.83 -27.51 4.25
N PRO B 271 -29.14 -28.60 3.53
CA PRO B 271 -30.41 -29.30 3.77
C PRO B 271 -30.53 -29.90 5.16
N ASP B 272 -29.43 -30.27 5.80
CA ASP B 272 -29.46 -30.84 7.13
C ASP B 272 -29.45 -29.78 8.23
N LEU B 273 -29.21 -28.51 7.89
CA LEU B 273 -29.23 -27.43 8.85
C LEU B 273 -30.55 -26.67 8.85
N SER B 274 -31.15 -26.48 7.68
CA SER B 274 -32.40 -25.73 7.58
C SER B 274 -33.49 -26.21 8.52
N PRO B 275 -33.73 -27.52 8.71
CA PRO B 275 -34.79 -27.94 9.64
C PRO B 275 -34.56 -27.47 11.06
N MET B 276 -33.32 -27.17 11.45
CA MET B 276 -33.03 -26.69 12.79
C MET B 276 -33.23 -25.18 12.94
N LEU B 277 -33.37 -24.46 11.82
CA LEU B 277 -33.47 -23.00 11.84
C LEU B 277 -34.94 -22.60 11.71
N ASP B 278 -35.65 -22.68 12.83
CA ASP B 278 -37.08 -22.41 12.83
C ASP B 278 -37.38 -20.94 12.56
N SER B 279 -36.50 -20.03 12.99
CA SER B 279 -36.73 -18.60 12.82
C SER B 279 -35.85 -18.01 11.73
N LEU B 280 -35.46 -18.82 10.75
CA LEU B 280 -34.55 -18.37 9.69
C LEU B 280 -35.08 -17.12 8.98
N GLU B 281 -36.36 -17.13 8.60
CA GLU B 281 -36.92 -15.99 7.87
C GLU B 281 -36.86 -14.71 8.69
N GLN B 282 -37.33 -14.77 9.94
CA GLN B 282 -37.33 -13.58 10.78
C GLN B 282 -35.91 -13.12 11.09
N ASP B 283 -35.04 -14.06 11.46
CA ASP B 283 -33.66 -13.70 11.78
C ASP B 283 -32.96 -13.07 10.58
N PHE B 284 -33.21 -13.59 9.37
CA PHE B 284 -32.52 -13.08 8.20
C PHE B 284 -32.89 -11.63 7.92
N GLU B 285 -34.16 -11.27 8.13
CA GLU B 285 -34.63 -9.92 7.84
C GLU B 285 -34.47 -8.97 9.01
N HIS B 286 -34.42 -9.46 10.24
CA HIS B 286 -34.32 -8.59 11.40
C HIS B 286 -32.91 -8.48 11.96
N HIS B 287 -31.99 -9.37 11.57
CA HIS B 287 -30.60 -9.21 12.00
C HIS B 287 -29.79 -8.59 10.87
N PRO B 288 -28.97 -7.59 11.14
CA PRO B 288 -28.23 -6.94 10.05
C PRO B 288 -27.08 -7.81 9.55
N THR B 289 -26.73 -7.62 8.28
CA THR B 289 -25.62 -8.33 7.68
C THR B 289 -24.32 -7.65 8.10
N GLY B 290 -23.45 -8.40 8.77
CA GLY B 290 -22.21 -7.81 9.24
C GLY B 290 -21.14 -7.76 8.17
N LYS B 291 -20.18 -6.87 8.37
CA LYS B 291 -19.07 -6.73 7.45
C LYS B 291 -17.77 -7.10 8.16
N LEU B 292 -16.81 -7.58 7.36
CA LEU B 292 -15.53 -8.08 7.83
C LEU B 292 -14.42 -7.35 7.09
N ALA B 293 -13.31 -7.11 7.79
CA ALA B 293 -12.19 -6.40 7.21
C ALA B 293 -10.92 -6.73 7.96
N THR B 294 -9.79 -6.49 7.31
CA THR B 294 -8.48 -6.54 7.95
C THR B 294 -7.86 -5.15 7.81
N LEU B 295 -7.48 -4.56 8.94
CA LEU B 295 -6.89 -3.22 8.96
C LEU B 295 -5.57 -3.30 9.71
N ARG B 296 -4.49 -2.92 9.03
CA ARG B 296 -3.14 -2.96 9.58
C ARG B 296 -2.65 -1.54 9.78
N LEU B 297 -2.09 -1.25 10.96
CA LEU B 297 -1.59 0.07 11.29
C LEU B 297 -0.08 0.02 11.51
N THR B 298 0.60 1.07 11.02
CA THR B 298 2.03 1.19 11.24
C THR B 298 2.33 1.52 12.69
N THR B 299 1.59 2.47 13.28
CA THR B 299 1.79 2.79 14.68
CA THR B 299 1.78 2.86 14.67
C THR B 299 0.48 2.69 15.44
N TRP B 300 0.61 2.34 16.72
CA TRP B 300 -0.54 2.16 17.59
C TRP B 300 -0.63 3.24 18.67
N HIS B 301 0.28 4.21 18.69
CA HIS B 301 0.28 5.15 19.80
C HIS B 301 0.72 6.53 19.32
N VAL B 302 0.34 7.52 20.12
CA VAL B 302 0.76 8.90 19.95
C VAL B 302 1.54 9.24 21.21
N GLY B 303 2.87 9.28 21.11
CA GLY B 303 3.70 9.60 22.25
C GLY B 303 3.35 8.73 23.45
N GLY B 304 3.23 9.37 24.60
CA GLY B 304 2.69 8.73 25.78
C GLY B 304 1.26 9.08 26.07
N GLN B 305 0.56 9.69 25.12
CA GLN B 305 -0.79 10.20 25.35
C GLN B 305 -1.87 9.17 25.04
N ALA B 306 -1.72 8.40 23.97
CA ALA B 306 -2.81 7.53 23.56
C ALA B 306 -2.25 6.26 22.94
N VAL B 307 -3.00 5.16 23.08
CA VAL B 307 -2.63 3.87 22.53
C VAL B 307 -3.90 3.12 22.16
N LEU B 308 -3.81 2.26 21.15
CA LEU B 308 -4.90 1.38 20.73
C LEU B 308 -4.58 -0.05 21.13
N LEU B 309 -5.61 -0.84 21.39
CA LEU B 309 -5.44 -2.28 21.56
C LEU B 309 -6.72 -2.98 21.12
N GLY B 310 -6.60 -4.30 20.94
CA GLY B 310 -7.74 -5.10 20.52
C GLY B 310 -8.14 -4.78 19.09
N ASP B 311 -9.44 -4.92 18.80
CA ASP B 311 -9.96 -4.59 17.48
C ASP B 311 -9.69 -3.14 17.09
N ALA B 312 -9.51 -2.24 18.06
CA ALA B 312 -9.16 -0.87 17.70
C ALA B 312 -7.81 -0.80 16.99
N ALA B 313 -6.87 -1.67 17.37
CA ALA B 313 -5.54 -1.64 16.80
C ALA B 313 -5.39 -2.52 15.56
N HIS B 314 -6.09 -3.66 15.51
CA HIS B 314 -5.84 -4.66 14.46
C HIS B 314 -7.11 -5.42 14.15
N PRO B 315 -8.07 -4.78 13.49
CA PRO B 315 -9.23 -5.52 12.97
C PRO B 315 -8.78 -6.68 12.11
N MET B 316 -9.41 -7.84 12.33
CA MET B 316 -9.08 -9.05 11.60
C MET B 316 -10.35 -9.81 11.27
N VAL B 317 -10.24 -10.73 10.30
CA VAL B 317 -11.37 -11.58 9.94
C VAL B 317 -11.53 -12.64 11.03
N PRO B 318 -12.75 -13.07 11.36
CA PRO B 318 -12.95 -13.96 12.51
C PRO B 318 -12.66 -15.43 12.24
N PHE B 319 -12.05 -15.78 11.10
CA PHE B 319 -12.01 -17.16 10.66
C PHE B 319 -11.13 -18.07 11.53
N HIS B 320 -10.37 -17.53 12.47
CA HIS B 320 -9.58 -18.36 13.37
C HIS B 320 -10.11 -18.37 14.79
N GLY B 321 -11.18 -17.63 15.07
CA GLY B 321 -11.69 -17.54 16.43
C GLY B 321 -10.69 -16.98 17.41
N GLN B 322 -9.91 -15.97 16.99
CA GLN B 322 -8.80 -15.46 17.78
C GLN B 322 -8.89 -13.97 18.09
N GLY B 323 -9.85 -13.25 17.53
CA GLY B 323 -9.96 -11.82 17.81
C GLY B 323 -10.06 -11.51 19.29
N MET B 324 -11.03 -12.13 19.97
CA MET B 324 -11.18 -11.91 21.40
C MET B 324 -9.95 -12.40 22.15
N ASN B 325 -9.42 -13.56 21.77
CA ASN B 325 -8.25 -14.11 22.43
C ASN B 325 -7.05 -13.16 22.29
N CYS B 326 -6.86 -12.60 21.10
CA CYS B 326 -5.79 -11.62 20.90
C CYS B 326 -6.03 -10.37 21.72
N ALA B 327 -7.27 -9.88 21.76
CA ALA B 327 -7.58 -8.66 22.50
C ALA B 327 -7.31 -8.83 23.99
N LEU B 328 -7.67 -9.97 24.56
CA LEU B 328 -7.39 -10.20 25.98
C LEU B 328 -5.89 -10.30 26.21
N GLU B 329 -5.17 -10.92 25.28
CA GLU B 329 -3.71 -10.99 25.36
C GLU B 329 -3.10 -9.59 25.31
N ASP B 330 -3.62 -8.73 24.42
CA ASP B 330 -3.20 -7.32 24.37
C ASP B 330 -3.35 -6.66 25.72
N ALA B 331 -4.50 -6.83 26.36
CA ALA B 331 -4.78 -6.15 27.63
C ALA B 331 -3.71 -6.47 28.67
N VAL B 332 -3.35 -7.76 28.79
CA VAL B 332 -2.34 -8.17 29.75
C VAL B 332 -1.00 -7.51 29.46
N ALA B 333 -0.60 -7.50 28.19
CA ALA B 333 0.70 -6.91 27.83
C ALA B 333 0.72 -5.40 28.08
N LEU B 334 -0.38 -4.72 27.73
CA LEU B 334 -0.42 -3.28 27.91
C LEU B 334 -0.37 -2.90 29.38
N ALA B 335 -1.14 -3.60 30.23
CA ALA B 335 -1.09 -3.31 31.65
C ALA B 335 0.29 -3.59 32.24
N GLU B 336 0.93 -4.67 31.79
CA GLU B 336 2.28 -4.99 32.26
C GLU B 336 3.27 -3.89 31.90
N HIS B 337 3.21 -3.40 30.66
CA HIS B 337 4.13 -2.35 30.23
C HIS B 337 3.88 -1.04 30.97
N LEU B 338 2.62 -0.64 31.09
CA LEU B 338 2.30 0.60 31.77
C LEU B 338 2.74 0.57 33.23
N GLN B 339 2.65 -0.59 33.86
CA GLN B 339 2.90 -0.68 35.29
C GLN B 339 4.38 -0.49 35.63
N SER B 340 5.27 -0.97 34.75
CA SER B 340 6.69 -1.05 35.09
CA SER B 340 6.69 -1.06 35.09
C SER B 340 7.60 -0.17 34.25
N ALA B 341 7.06 0.60 33.31
CA ALA B 341 7.92 1.40 32.45
C ALA B 341 8.36 2.69 33.13
N ALA B 342 9.42 3.30 32.58
CA ALA B 342 9.93 4.57 33.11
C ALA B 342 8.92 5.70 32.98
N ASP B 343 8.07 5.65 31.96
CA ASP B 343 7.05 6.67 31.72
C ASP B 343 6.10 6.12 30.67
N ASN B 344 4.97 6.80 30.49
CA ASN B 344 3.93 6.28 29.60
C ASN B 344 4.45 6.14 28.18
N ALA B 345 5.25 7.11 27.71
CA ALA B 345 5.73 7.06 26.33
C ALA B 345 6.57 5.81 26.08
N SER B 346 7.48 5.49 27.00
CA SER B 346 8.28 4.27 26.85
C SER B 346 7.39 3.04 26.88
N ALA B 347 6.39 3.03 27.77
CA ALA B 347 5.50 1.89 27.88
C ALA B 347 4.75 1.65 26.58
N LEU B 348 4.25 2.73 25.96
CA LEU B 348 3.42 2.55 24.78
C LEU B 348 4.26 2.10 23.58
N ALA B 349 5.49 2.60 23.49
CA ALA B 349 6.38 2.16 22.42
C ALA B 349 6.78 0.70 22.59
N ALA B 350 7.06 0.28 23.81
CA ALA B 350 7.46 -1.11 24.06
C ALA B 350 6.27 -2.07 23.86
N PHE B 351 5.07 -1.66 24.27
CA PHE B 351 3.88 -2.47 24.05
C PHE B 351 3.64 -2.67 22.55
N THR B 352 3.73 -1.59 21.78
CA THR B 352 3.57 -1.68 20.34
C THR B 352 4.64 -2.57 19.71
N ALA B 353 5.91 -2.38 20.09
CA ALA B 353 6.96 -3.18 19.50
C ALA B 353 6.79 -4.66 19.81
N GLN B 354 6.26 -5.00 20.99
CA GLN B 354 6.04 -6.39 21.32
C GLN B 354 4.86 -6.98 20.54
N ARG B 355 3.74 -6.25 20.50
CA ARG B 355 2.48 -6.83 20.04
C ARG B 355 2.24 -6.70 18.55
N GLN B 356 2.86 -5.71 17.89
CA GLN B 356 2.60 -5.49 16.47
C GLN B 356 2.99 -6.68 15.59
N PRO B 357 4.15 -7.33 15.77
CA PRO B 357 4.44 -8.51 14.93
C PRO B 357 3.48 -9.68 15.18
N ASP B 358 2.99 -9.85 16.41
CA ASP B 358 2.04 -10.93 16.66
C ASP B 358 0.67 -10.61 16.04
N ALA B 359 0.25 -9.35 16.08
CA ALA B 359 -1.03 -8.98 15.48
C ALA B 359 -1.02 -9.21 13.97
N LEU B 360 0.07 -8.83 13.29
CA LEU B 360 0.19 -9.09 11.86
C LEU B 360 0.13 -10.60 11.57
N ALA B 361 0.77 -11.41 12.42
CA ALA B 361 0.78 -12.85 12.20
C ALA B 361 -0.61 -13.45 12.28
N ILE B 362 -1.36 -13.15 13.35
CA ILE B 362 -2.71 -13.71 13.46
C ILE B 362 -3.63 -13.11 12.41
N GLN B 363 -3.39 -11.86 11.99
CA GLN B 363 -4.18 -11.30 10.90
C GLN B 363 -4.00 -12.11 9.63
N ALA B 364 -2.77 -12.53 9.33
CA ALA B 364 -2.53 -13.32 8.13
C ALA B 364 -3.04 -14.74 8.30
N MET B 365 -2.86 -15.33 9.48
CA MET B 365 -3.33 -16.70 9.71
C MET B 365 -4.85 -16.79 9.72
N ALA B 366 -5.53 -15.76 10.21
CA ALA B 366 -6.99 -15.75 10.16
C ALA B 366 -7.50 -15.75 8.72
N LEU B 367 -6.85 -14.98 7.85
CA LEU B 367 -7.23 -14.98 6.43
C LEU B 367 -7.01 -16.34 5.81
N GLU B 368 -5.85 -16.96 6.06
CA GLU B 368 -5.56 -18.27 5.50
C GLU B 368 -6.54 -19.33 5.98
N ASN B 369 -6.98 -19.22 7.23
CA ASN B 369 -7.82 -20.25 7.84
C ASN B 369 -9.20 -20.35 7.21
N TYR B 370 -9.60 -19.41 6.35
CA TYR B 370 -10.92 -19.54 5.71
C TYR B 370 -10.96 -20.74 4.78
N VAL B 371 -9.98 -20.88 3.89
CA VAL B 371 -9.97 -22.00 2.98
C VAL B 371 -9.81 -23.31 3.73
N GLU B 372 -9.21 -23.26 4.92
CA GLU B 372 -9.05 -24.47 5.72
C GLU B 372 -10.39 -24.96 6.25
N MET B 373 -11.30 -24.03 6.57
CA MET B 373 -12.61 -24.34 7.13
C MET B 373 -13.65 -24.62 6.05
N SER B 374 -13.66 -23.83 4.97
CA SER B 374 -14.76 -23.83 4.03
C SER B 374 -14.59 -24.82 2.89
N SER B 375 -13.36 -25.11 2.47
CA SER B 375 -13.14 -26.06 1.39
C SER B 375 -13.07 -27.47 1.96
N LYS B 376 -13.33 -28.45 1.10
CA LYS B 376 -13.44 -29.83 1.59
C LYS B 376 -12.10 -30.53 1.66
N VAL B 377 -11.07 -29.81 2.14
CA VAL B 377 -9.69 -30.25 2.36
C VAL B 377 -9.43 -31.70 1.94
N ALA B 378 -9.58 -31.98 0.64
CA ALA B 378 -9.45 -33.34 0.11
C ALA B 378 -8.31 -33.50 -0.89
N SER B 379 -7.43 -32.51 -1.03
CA SER B 379 -6.33 -32.60 -1.99
C SER B 379 -5.49 -33.83 -1.67
N PRO B 380 -5.08 -34.60 -2.69
CA PRO B 380 -4.40 -35.89 -2.42
C PRO B 380 -3.23 -35.78 -1.45
N THR B 381 -2.35 -34.80 -1.63
CA THR B 381 -1.25 -34.63 -0.69
C THR B 381 -1.72 -34.17 0.68
N TYR B 382 -2.80 -33.38 0.73
CA TYR B 382 -3.26 -32.84 2.01
C TYR B 382 -3.57 -33.97 2.99
N LEU B 383 -4.22 -35.02 2.50
CA LEU B 383 -4.47 -36.19 3.35
C LEU B 383 -3.16 -36.88 3.69
N LEU B 384 -2.26 -36.99 2.71
CA LEU B 384 -0.96 -37.61 2.94
C LEU B 384 -0.07 -36.76 3.82
N GLU B 385 -0.13 -35.43 3.66
CA GLU B 385 0.63 -34.55 4.54
C GLU B 385 0.14 -34.63 5.98
N ARG B 386 -1.18 -34.69 6.17
CA ARG B 386 -1.73 -34.81 7.52
C ARG B 386 -1.39 -36.15 8.15
N GLU B 387 -1.44 -37.23 7.36
CA GLU B 387 -1.01 -38.53 7.88
C GLU B 387 0.46 -38.49 8.28
N LEU B 388 1.28 -37.82 7.48
CA LEU B 388 2.68 -37.61 7.86
C LEU B 388 2.81 -36.59 8.98
N GLY B 389 1.94 -35.59 9.02
CA GLY B 389 1.98 -34.61 10.10
C GLY B 389 1.64 -35.23 11.44
N GLN B 390 0.68 -36.16 11.46
CA GLN B 390 0.35 -36.84 12.70
C GLN B 390 1.50 -37.75 13.16
N ILE B 391 2.15 -38.42 12.21
CA ILE B 391 3.29 -39.28 12.55
C ILE B 391 4.41 -38.45 13.16
N MET B 392 4.70 -37.29 12.58
CA MET B 392 5.76 -36.44 13.11
C MET B 392 5.35 -35.77 14.41
N ALA B 393 4.05 -35.53 14.59
CA ALA B 393 3.58 -34.98 15.86
C ALA B 393 3.66 -36.01 16.96
N GLN B 394 3.62 -37.30 16.62
CA GLN B 394 3.79 -38.35 17.61
C GLN B 394 5.26 -38.60 17.94
N ARG B 395 6.12 -38.60 16.91
CA ARG B 395 7.54 -38.85 17.13
C ARG B 395 8.20 -37.71 17.90
N GLN B 396 7.87 -36.47 17.53
CA GLN B 396 8.44 -35.27 18.15
C GLN B 396 7.29 -34.37 18.59
N PRO B 397 6.64 -34.69 19.71
CA PRO B 397 5.50 -33.86 20.14
C PRO B 397 5.92 -32.49 20.62
N THR B 398 7.18 -32.32 21.00
CA THR B 398 7.72 -31.02 21.40
C THR B 398 8.31 -30.23 20.25
N ARG B 399 8.39 -30.82 19.05
CA ARG B 399 8.94 -30.13 17.88
C ARG B 399 7.91 -29.94 16.77
N PHE B 400 7.16 -30.98 16.41
CA PHE B 400 6.16 -30.89 15.35
C PHE B 400 4.80 -30.73 16.03
N ILE B 401 4.33 -29.49 16.12
CA ILE B 401 3.01 -29.15 16.65
C ILE B 401 2.21 -28.49 15.55
N PRO B 402 1.06 -29.05 15.15
CA PRO B 402 0.27 -28.43 14.08
C PRO B 402 0.00 -26.96 14.38
N ARG B 403 0.02 -26.13 13.33
CA ARG B 403 -0.08 -24.69 13.53
C ARG B 403 -1.36 -24.33 14.25
N TYR B 404 -2.43 -25.05 13.96
CA TYR B 404 -3.69 -24.79 14.64
C TYR B 404 -3.56 -25.00 16.15
N SER B 405 -2.81 -26.03 16.57
CA SER B 405 -2.64 -26.29 17.99
C SER B 405 -1.79 -25.21 18.65
N MET B 406 -0.77 -24.72 17.94
CA MET B 406 0.07 -23.65 18.49
C MET B 406 -0.74 -22.38 18.70
N VAL B 407 -1.62 -22.05 17.75
CA VAL B 407 -2.43 -20.84 17.89
C VAL B 407 -3.46 -20.99 18.99
N THR B 408 -4.13 -22.14 19.05
CA THR B 408 -5.33 -22.32 19.87
C THR B 408 -5.00 -22.80 21.28
N PHE B 409 -4.06 -23.72 21.43
CA PHE B 409 -3.84 -24.40 22.70
C PHE B 409 -2.53 -24.02 23.39
N SER B 410 -1.81 -23.02 22.88
CA SER B 410 -0.59 -22.58 23.53
C SER B 410 -0.53 -21.06 23.55
N ARG B 411 0.44 -20.53 24.28
N ARG B 411 0.45 -20.54 24.28
CA ARG B 411 0.67 -19.10 24.36
CA ARG B 411 0.68 -19.11 24.39
C ARG B 411 1.89 -18.65 23.57
C ARG B 411 1.89 -18.65 23.58
N LEU B 412 2.41 -19.51 22.70
CA LEU B 412 3.50 -19.12 21.83
C LEU B 412 3.10 -17.87 21.06
N PRO B 413 3.97 -16.86 20.97
CA PRO B 413 3.62 -15.65 20.22
C PRO B 413 3.14 -16.00 18.82
N TYR B 414 2.06 -15.32 18.40
CA TYR B 414 1.47 -15.59 17.09
C TYR B 414 2.53 -15.62 15.98
N ALA B 415 3.51 -14.71 16.06
CA ALA B 415 4.54 -14.66 15.02
C ALA B 415 5.39 -15.93 15.00
N GLN B 416 5.68 -16.48 16.18
CA GLN B 416 6.45 -17.70 16.26
C GLN B 416 5.64 -18.90 15.77
N ALA B 417 4.35 -18.96 16.13
CA ALA B 417 3.50 -20.04 15.65
C ALA B 417 3.43 -20.06 14.14
N MET B 418 3.29 -18.89 13.51
CA MET B 418 3.24 -18.83 12.05
C MET B 418 4.57 -19.24 11.43
N ALA B 419 5.69 -18.81 12.03
CA ALA B 419 7.00 -19.14 11.48
C ALA B 419 7.27 -20.63 11.53
N ARG B 420 6.98 -21.27 12.67
CA ARG B 420 7.14 -22.72 12.79
C ARG B 420 6.19 -23.45 11.84
N GLY B 421 4.97 -22.93 11.68
CA GLY B 421 4.01 -23.58 10.81
C GLY B 421 4.46 -23.63 9.36
N GLN B 422 5.12 -22.56 8.89
CA GLN B 422 5.64 -22.55 7.53
C GLN B 422 6.76 -23.56 7.36
N ILE B 423 7.68 -23.64 8.32
CA ILE B 423 8.71 -24.68 8.28
C ILE B 423 8.08 -26.06 8.18
N GLN B 424 7.03 -26.30 8.98
CA GLN B 424 6.38 -27.60 8.98
C GLN B 424 5.67 -27.88 7.66
N GLU B 425 5.04 -26.86 7.07
CA GLU B 425 4.34 -27.08 5.80
C GLU B 425 5.31 -27.43 4.68
N GLN B 426 6.43 -26.71 4.59
CA GLN B 426 7.45 -27.02 3.59
C GLN B 426 8.00 -28.43 3.77
N LEU B 427 8.23 -28.83 5.03
CA LEU B 427 8.73 -30.17 5.31
C LEU B 427 7.76 -31.22 4.79
N LEU B 428 6.47 -31.05 5.07
CA LEU B 428 5.46 -31.98 4.57
C LEU B 428 5.45 -32.01 3.05
N LYS B 429 5.67 -30.86 2.40
CA LYS B 429 5.62 -30.79 0.95
C LYS B 429 6.72 -31.64 0.30
N PHE B 430 7.96 -31.51 0.78
CA PHE B 430 9.05 -32.29 0.20
C PHE B 430 8.89 -33.78 0.45
N ALA B 431 8.48 -34.15 1.67
CA ALA B 431 8.39 -35.57 1.99
C ALA B 431 7.34 -36.28 1.14
N VAL B 432 6.24 -35.58 0.83
CA VAL B 432 5.18 -36.16 0.01
C VAL B 432 5.40 -35.94 -1.48
N ALA B 433 6.35 -35.09 -1.86
CA ALA B 433 6.59 -34.84 -3.28
C ALA B 433 7.02 -36.12 -3.99
N ASN B 434 6.38 -36.39 -5.13
CA ASN B 434 6.63 -37.59 -5.93
C ASN B 434 6.42 -38.87 -5.11
N HIS B 435 5.53 -38.80 -4.11
CA HIS B 435 5.14 -39.96 -3.32
C HIS B 435 3.63 -39.97 -3.19
N SER B 436 3.03 -41.12 -3.45
CA SER B 436 1.57 -41.27 -3.44
C SER B 436 1.04 -41.99 -2.22
N ASP B 437 1.83 -42.86 -1.61
CA ASP B 437 1.42 -43.59 -0.41
C ASP B 437 2.44 -43.37 0.69
N LEU B 438 1.97 -43.50 1.94
CA LEU B 438 2.86 -43.37 3.09
C LEU B 438 3.93 -44.46 3.12
N THR B 439 3.71 -45.57 2.43
CA THR B 439 4.67 -46.67 2.46
C THR B 439 5.97 -46.32 1.74
N SER B 440 5.90 -45.46 0.72
CA SER B 440 7.07 -45.07 -0.05
C SER B 440 7.79 -43.86 0.54
N ILE B 441 7.40 -43.40 1.73
CA ILE B 441 8.04 -42.28 2.40
C ILE B 441 8.82 -42.80 3.59
N ASN B 442 10.06 -42.33 3.74
CA ASN B 442 10.91 -42.72 4.85
C ASN B 442 10.64 -41.82 6.05
N LEU B 443 10.13 -42.40 7.13
CA LEU B 443 9.71 -41.62 8.28
C LEU B 443 10.89 -41.13 9.11
N ASP B 444 12.01 -41.87 9.10
CA ASP B 444 13.18 -41.42 9.83
C ASP B 444 13.87 -40.24 9.16
N ALA B 445 13.73 -40.13 7.83
CA ALA B 445 14.31 -38.99 7.12
C ALA B 445 13.51 -37.72 7.39
N VAL B 446 12.18 -37.84 7.45
CA VAL B 446 11.35 -36.68 7.76
C VAL B 446 11.59 -36.22 9.19
N GLU B 447 11.77 -37.16 10.12
CA GLU B 447 12.03 -36.79 11.51
C GLU B 447 13.37 -36.08 11.64
N HIS B 448 14.32 -36.39 10.75
CA HIS B 448 15.62 -35.72 10.77
C HIS B 448 15.49 -34.24 10.43
N GLU B 449 14.70 -33.91 9.41
CA GLU B 449 14.49 -32.49 9.10
C GLU B 449 13.72 -31.79 10.20
N VAL B 450 12.81 -32.50 10.88
CA VAL B 450 12.08 -31.93 12.00
C VAL B 450 13.04 -31.53 13.12
N THR B 451 14.03 -32.38 13.41
CA THR B 451 14.99 -32.07 14.45
C THR B 451 15.99 -31.01 14.01
N ARG B 452 16.24 -30.90 12.71
CA ARG B 452 17.19 -29.91 12.20
C ARG B 452 16.57 -28.52 12.12
N CYS B 453 15.30 -28.44 11.75
CA CYS B 453 14.66 -27.15 11.49
C CYS B 453 13.73 -26.69 12.60
N LEU B 454 13.26 -27.59 13.47
CA LEU B 454 12.29 -27.23 14.50
C LEU B 454 12.87 -27.48 15.89
N PRO B 455 13.36 -26.44 16.58
CA PRO B 455 13.86 -26.65 17.94
C PRO B 455 12.72 -26.94 18.90
N PRO B 456 12.97 -27.72 19.94
CA PRO B 456 11.89 -28.08 20.86
C PRO B 456 11.49 -26.90 21.74
N LEU B 457 10.23 -26.92 22.17
CA LEU B 457 9.71 -25.85 23.01
C LEU B 457 9.27 -26.39 24.37
#